data_5QTN
#
_entry.id   5QTN
#
_cell.length_a   49.083
_cell.length_b   59.814
_cell.length_c   79.586
_cell.angle_alpha   79.550
_cell.angle_beta   81.290
_cell.angle_gamma   75.780
#
_symmetry.space_group_name_H-M   'P 1'
#
loop_
_entity.id
_entity.type
_entity.pdbx_description
1 polymer 'ADP-sugar pyrophosphatase'
2 non-polymer 'MAGNESIUM ION'
3 non-polymer 'CHLORIDE ION'
4 non-polymer 5-fluoro-1H-pyrrolo[2,3-b]pyridine
5 non-polymer 1,2-ETHANEDIOL
6 water water
#
_entity_poly.entity_id   1
_entity_poly.type   'polypeptide(L)'
_entity_poly.pdbx_seq_one_letter_code
;SMESQEPTESSQNGKQYIISEELISEGKWVKLEKTTYMDPTGKTRTWESVKRTTRKEQTADGVAVIPVLQRTLHYECIVL
VKQFRPPMGGYCIEFPAGLIDDGETPEAAALRELEEETGYKGDIAECSPAVCMDPGLSNCTIHIVTVTINGDDAENARPK
PKPGDGEFVEVISLPKNDLLQRLDALVAEEHLTVDARVYSYALALKHAN
;
_entity_poly.pdbx_strand_id   A,B,C,D
#
# COMPACT_ATOMS: atom_id res chain seq x y z
N LYS A 15 -29.32 36.70 2.90
CA LYS A 15 -30.76 36.68 2.50
C LYS A 15 -31.55 35.85 3.51
N GLN A 16 -31.15 34.60 3.75
CA GLN A 16 -31.92 33.61 4.56
C GLN A 16 -31.48 33.61 6.02
N TYR A 17 -32.41 33.27 6.91
CA TYR A 17 -32.19 33.32 8.37
C TYR A 17 -33.28 32.52 9.03
N ILE A 18 -33.01 32.16 10.29
CA ILE A 18 -33.92 31.42 11.18
C ILE A 18 -34.95 32.42 11.71
N ILE A 19 -36.23 32.03 11.67
CA ILE A 19 -37.38 32.75 12.30
C ILE A 19 -37.66 32.18 13.69
N SER A 20 -37.77 30.88 13.84
CA SER A 20 -38.05 30.25 15.17
C SER A 20 -37.54 28.81 15.16
N GLU A 21 -37.28 28.25 16.34
CA GLU A 21 -36.94 26.81 16.51
C GLU A 21 -37.88 26.25 17.58
N GLU A 22 -38.82 25.39 17.21
CA GLU A 22 -39.83 24.75 18.10
C GLU A 22 -39.35 23.33 18.44
N LEU A 23 -39.09 23.05 19.71
CA LEU A 23 -38.77 21.68 20.18
C LEU A 23 -39.93 20.76 19.76
N ILE A 24 -39.61 19.62 19.15
CA ILE A 24 -40.59 18.50 18.91
C ILE A 24 -40.36 17.44 19.99
N SER A 25 -39.14 16.90 20.10
CA SER A 25 -38.79 15.81 21.06
C SER A 25 -37.42 16.07 21.68
N GLU A 26 -37.27 15.91 22.99
CA GLU A 26 -35.96 16.08 23.66
C GLU A 26 -35.65 14.79 24.42
N GLY A 27 -34.56 14.10 24.04
CA GLY A 27 -33.99 12.97 24.79
C GLY A 27 -32.94 13.46 25.77
N LYS A 28 -32.18 12.53 26.33
CA LYS A 28 -31.02 12.83 27.19
C LYS A 28 -29.85 13.38 26.37
N TRP A 29 -29.71 12.91 25.12
CA TRP A 29 -28.52 13.14 24.27
C TRP A 29 -28.87 13.89 22.96
N VAL A 30 -30.09 13.71 22.42
CA VAL A 30 -30.50 14.27 21.09
C VAL A 30 -31.87 14.94 21.17
N LYS A 31 -32.08 16.05 20.44
CA LYS A 31 -33.41 16.66 20.22
C LYS A 31 -33.76 16.78 18.72
N LEU A 32 -35.05 16.68 18.44
CA LEU A 32 -35.67 17.00 17.13
C LEU A 32 -36.41 18.35 17.25
N GLU A 33 -36.12 19.28 16.32
CA GLU A 33 -36.68 20.65 16.36
C GLU A 33 -37.35 20.96 15.02
N LYS A 34 -38.42 21.76 15.05
CA LYS A 34 -39.08 22.34 13.85
C LYS A 34 -38.50 23.74 13.63
N THR A 35 -37.67 23.89 12.60
CA THR A 35 -37.00 25.16 12.26
C THR A 35 -37.90 25.87 11.27
N THR A 36 -38.29 27.10 11.59
CA THR A 36 -38.93 28.04 10.65
C THR A 36 -37.85 29.03 10.20
N TYR A 37 -37.70 29.20 8.89
CA TYR A 37 -36.69 30.10 8.31
C TYR A 37 -37.28 30.84 7.13
N MET A 38 -36.62 31.93 6.74
CA MET A 38 -37.00 32.75 5.57
C MET A 38 -36.21 32.28 4.35
N ASP A 39 -36.89 31.90 3.25
CA ASP A 39 -36.18 31.51 2.00
C ASP A 39 -35.81 32.78 1.24
N PRO A 40 -34.96 32.69 0.20
CA PRO A 40 -34.48 33.89 -0.48
C PRO A 40 -35.51 34.51 -1.44
N THR A 41 -36.69 33.89 -1.65
CA THR A 41 -37.87 34.50 -2.34
C THR A 41 -38.72 35.29 -1.34
N GLY A 42 -38.33 35.30 -0.05
CA GLY A 42 -39.04 36.00 1.04
C GLY A 42 -40.22 35.20 1.58
N LYS A 43 -40.26 33.89 1.28
CA LYS A 43 -41.30 32.94 1.77
C LYS A 43 -40.81 32.22 3.02
N THR A 44 -41.69 32.08 4.03
CA THR A 44 -41.48 31.24 5.24
C THR A 44 -41.53 29.76 4.81
N ARG A 45 -40.60 28.96 5.32
CA ARG A 45 -40.58 27.48 5.17
C ARG A 45 -40.13 26.83 6.49
N THR A 46 -40.33 25.51 6.61
CA THR A 46 -39.92 24.76 7.82
C THR A 46 -38.96 23.63 7.43
N TRP A 47 -38.26 23.13 8.44
CA TRP A 47 -37.23 22.07 8.33
C TRP A 47 -37.29 21.24 9.62
N GLU A 48 -37.11 19.94 9.53
CA GLU A 48 -36.88 19.09 10.72
C GLU A 48 -35.37 19.01 10.96
N SER A 49 -34.93 19.57 12.09
CA SER A 49 -33.51 19.78 12.46
C SER A 49 -33.19 18.93 13.68
N VAL A 50 -32.09 18.18 13.60
CA VAL A 50 -31.55 17.40 14.75
C VAL A 50 -30.49 18.24 15.47
N LYS A 51 -30.50 18.20 16.79
CA LYS A 51 -29.41 18.79 17.58
C LYS A 51 -29.06 17.87 18.74
N ARG A 52 -27.84 17.97 19.25
CA ARG A 52 -27.48 17.30 20.52
C ARG A 52 -27.91 18.22 21.67
N THR A 53 -28.20 17.63 22.83
CA THR A 53 -28.53 18.34 24.09
C THR A 53 -27.25 18.74 24.84
N THR A 54 -26.07 18.28 24.38
CA THR A 54 -24.81 18.26 25.17
C THR A 54 -23.93 19.49 24.92
N ARG A 55 -24.30 20.36 23.98
CA ARG A 55 -23.43 21.49 23.58
C ARG A 55 -23.71 22.65 24.52
N LYS A 56 -22.70 23.13 25.23
CA LYS A 56 -22.80 24.27 26.18
C LYS A 56 -22.11 25.48 25.53
N GLU A 57 -20.86 25.77 25.92
CA GLU A 57 -20.08 26.95 25.47
C GLU A 57 -19.14 26.54 24.33
N GLN A 58 -18.86 25.24 24.20
CA GLN A 58 -17.86 24.71 23.23
C GLN A 58 -18.08 25.37 21.86
N THR A 59 -17.00 25.52 21.10
CA THR A 59 -17.00 26.06 19.71
C THR A 59 -17.50 24.99 18.72
N ALA A 60 -17.65 23.74 19.20
CA ALA A 60 -18.24 22.64 18.42
C ALA A 60 -18.68 21.55 19.40
N ASP A 61 -19.51 20.60 18.95
CA ASP A 61 -19.91 19.42 19.75
C ASP A 61 -18.71 18.51 20.08
N GLY A 62 -17.83 18.32 19.11
CA GLY A 62 -16.86 17.20 19.15
C GLY A 62 -15.56 17.52 18.44
N VAL A 63 -14.67 16.54 18.48
CA VAL A 63 -13.40 16.54 17.71
C VAL A 63 -13.31 15.20 17.01
N ALA A 64 -12.73 15.22 15.83
CA ALA A 64 -12.20 14.00 15.18
C ALA A 64 -10.67 14.19 15.05
N VAL A 65 -9.91 13.15 15.29
CA VAL A 65 -8.43 13.26 15.31
C VAL A 65 -7.88 12.58 14.06
N ILE A 66 -7.08 13.31 13.28
CA ILE A 66 -6.32 12.72 12.17
C ILE A 66 -4.94 12.42 12.77
N PRO A 67 -4.72 11.16 13.16
CA PRO A 67 -3.51 10.79 13.90
C PRO A 67 -2.48 10.14 12.96
N VAL A 68 -1.38 10.84 12.74
CA VAL A 68 -0.34 10.41 11.77
C VAL A 68 0.78 9.76 12.57
N LEU A 69 0.80 8.43 12.58
CA LEU A 69 1.80 7.66 13.34
C LEU A 69 3.09 7.68 12.53
N GLN A 70 4.12 8.32 13.08
CA GLN A 70 5.45 8.53 12.44
C GLN A 70 6.50 7.71 13.20
N ARG A 71 7.31 6.97 12.46
CA ARG A 71 8.31 6.02 13.01
C ARG A 71 9.44 5.95 12.02
N THR A 72 10.67 6.06 12.51
CA THR A 72 11.88 5.92 11.66
C THR A 72 11.79 4.59 10.91
N LEU A 73 11.99 4.64 9.59
CA LEU A 73 12.07 3.46 8.68
C LEU A 73 10.74 2.69 8.70
N HIS A 74 9.63 3.39 9.01
CA HIS A 74 8.24 2.98 8.64
C HIS A 74 7.62 4.03 7.71
N TYR A 75 6.69 3.62 6.85
CA TYR A 75 5.83 4.59 6.13
C TYR A 75 4.87 5.18 7.17
N GLU A 76 4.48 6.44 7.01
CA GLU A 76 3.52 7.08 7.94
C GLU A 76 2.20 6.31 7.91
N CYS A 77 1.61 5.98 9.06
CA CYS A 77 0.27 5.35 9.10
C CYS A 77 -0.76 6.39 9.53
N ILE A 78 -2.03 6.15 9.20
CA ILE A 78 -3.18 6.89 9.78
C ILE A 78 -3.81 5.94 10.78
N VAL A 79 -4.01 6.37 12.01
CA VAL A 79 -4.56 5.52 13.10
C VAL A 79 -6.08 5.69 13.10
N LEU A 80 -6.79 4.57 12.94
CA LEU A 80 -8.26 4.50 12.84
C LEU A 80 -8.78 3.61 13.95
N VAL A 81 -10.05 3.76 14.27
CA VAL A 81 -10.71 2.94 15.33
C VAL A 81 -11.93 2.25 14.72
N LYS A 82 -12.20 1.04 15.19
CA LYS A 82 -13.34 0.21 14.78
C LYS A 82 -14.18 0.00 16.03
N GLN A 83 -15.45 0.36 15.94
CA GLN A 83 -16.40 0.35 17.08
C GLN A 83 -17.76 -0.08 16.57
N PHE A 84 -18.53 -0.70 17.44
CA PHE A 84 -19.97 -0.89 17.18
C PHE A 84 -20.66 0.46 17.38
N ARG A 85 -21.47 0.86 16.41
CA ARG A 85 -22.24 2.13 16.38
C ARG A 85 -23.72 1.75 16.34
N PRO A 86 -24.39 1.85 17.50
CA PRO A 86 -25.80 1.48 17.57
C PRO A 86 -26.68 2.14 16.50
N PRO A 87 -26.56 3.45 16.17
CA PRO A 87 -27.35 4.03 15.08
C PRO A 87 -27.23 3.28 13.75
N MET A 88 -26.03 2.76 13.47
CA MET A 88 -25.69 2.07 12.22
C MET A 88 -26.08 0.59 12.27
N GLY A 89 -26.31 0.01 13.45
CA GLY A 89 -26.47 -1.46 13.64
C GLY A 89 -25.28 -2.27 13.15
N GLY A 90 -24.05 -1.78 13.36
CA GLY A 90 -22.87 -2.35 12.71
C GLY A 90 -21.57 -1.73 13.22
N TYR A 91 -20.45 -2.32 12.81
CA TYR A 91 -19.08 -1.82 13.07
C TYR A 91 -18.71 -0.75 12.03
N CYS A 92 -18.02 0.29 12.48
CA CYS A 92 -17.67 1.46 11.64
C CYS A 92 -16.20 1.73 11.84
N ILE A 93 -15.51 2.15 10.77
CA ILE A 93 -14.09 2.58 10.85
C ILE A 93 -14.05 4.10 10.71
N GLU A 94 -13.51 4.76 11.73
CA GLU A 94 -13.56 6.22 11.86
C GLU A 94 -12.22 6.72 12.38
N PHE A 95 -11.94 7.98 12.16
CA PHE A 95 -10.98 8.74 12.99
C PHE A 95 -11.41 8.63 14.46
N PRO A 96 -10.44 8.48 15.39
CA PRO A 96 -10.69 8.71 16.81
C PRO A 96 -11.41 10.04 17.03
N ALA A 97 -12.39 10.05 17.92
CA ALA A 97 -13.40 11.12 18.00
C ALA A 97 -14.10 11.02 19.34
N GLY A 98 -14.47 12.19 19.90
CA GLY A 98 -15.34 12.26 21.08
C GLY A 98 -15.89 13.66 21.24
N LEU A 99 -16.89 13.80 22.09
CA LEU A 99 -17.46 15.12 22.42
C LEU A 99 -16.44 15.95 23.21
N ILE A 100 -16.50 17.26 23.09
CA ILE A 100 -15.63 18.15 23.90
C ILE A 100 -16.29 18.31 25.27
N ASP A 101 -15.54 18.09 26.36
CA ASP A 101 -16.05 18.33 27.74
C ASP A 101 -16.26 19.83 27.91
N ASP A 102 -17.26 20.30 28.68
CA ASP A 102 -17.45 21.75 28.97
C ASP A 102 -16.11 22.28 29.49
N GLY A 103 -15.58 23.37 28.94
CA GLY A 103 -14.37 24.03 29.44
C GLY A 103 -13.13 23.42 28.86
N GLU A 104 -13.26 22.30 28.15
CA GLU A 104 -12.12 21.65 27.46
C GLU A 104 -11.90 22.36 26.12
N THR A 105 -10.64 22.51 25.72
CA THR A 105 -10.26 23.05 24.38
C THR A 105 -10.44 21.94 23.34
N PRO A 106 -10.63 22.25 22.03
CA PRO A 106 -10.64 21.20 21.01
C PRO A 106 -9.32 20.41 21.02
N GLU A 107 -8.17 21.06 21.18
CA GLU A 107 -6.85 20.37 21.13
C GLU A 107 -6.73 19.39 22.30
N ALA A 108 -7.04 19.83 23.52
CA ALA A 108 -7.10 18.97 24.73
C ALA A 108 -8.02 17.76 24.49
N ALA A 109 -9.24 17.98 24.01
CA ALA A 109 -10.25 16.93 23.75
C ALA A 109 -9.65 15.89 22.78
N ALA A 110 -9.08 16.37 21.66
CA ALA A 110 -8.43 15.55 20.59
C ALA A 110 -7.34 14.67 21.20
N LEU A 111 -6.36 15.27 21.87
CA LEU A 111 -5.25 14.55 22.53
C LEU A 111 -5.81 13.55 23.57
N ARG A 112 -6.82 13.90 24.33
CA ARG A 112 -7.41 13.00 25.36
C ARG A 112 -8.14 11.84 24.67
N GLU A 113 -9.02 12.13 23.72
CA GLU A 113 -9.79 11.08 22.99
C GLU A 113 -8.82 10.17 22.26
N LEU A 114 -7.77 10.70 21.63
CA LEU A 114 -6.77 9.84 20.96
C LEU A 114 -6.14 8.89 21.98
N GLU A 115 -5.74 9.41 23.15
CA GLU A 115 -5.09 8.51 24.16
C GLU A 115 -6.11 7.51 24.68
N GLU A 116 -7.33 7.94 25.02
CA GLU A 116 -8.40 7.05 25.54
C GLU A 116 -8.68 5.93 24.52
N GLU A 117 -8.81 6.27 23.23
CA GLU A 117 -9.35 5.31 22.21
C GLU A 117 -8.22 4.44 21.64
N THR A 118 -6.97 4.91 21.61
CA THR A 118 -5.85 4.19 20.95
C THR A 118 -4.70 3.88 21.91
N GLY A 119 -4.56 4.59 23.02
CA GLY A 119 -3.35 4.50 23.87
C GLY A 119 -2.23 5.43 23.43
N TYR A 120 -2.29 6.00 22.22
CA TYR A 120 -1.20 6.85 21.71
C TYR A 120 -1.25 8.27 22.29
N LYS A 121 -0.07 8.82 22.60
CA LYS A 121 0.14 10.21 23.07
C LYS A 121 0.66 11.01 21.88
N GLY A 122 -0.19 11.87 21.38
CA GLY A 122 0.10 12.64 20.15
C GLY A 122 0.68 14.00 20.46
N ASP A 123 1.05 14.73 19.41
CA ASP A 123 1.49 16.15 19.46
C ASP A 123 0.59 16.93 18.49
N ILE A 124 -0.04 18.01 18.94
CA ILE A 124 -0.92 18.86 18.11
C ILE A 124 -0.12 19.29 16.87
N ALA A 125 -0.73 19.23 15.69
CA ALA A 125 -0.13 19.76 14.45
C ALA A 125 -1.00 20.92 14.00
N GLU A 126 -2.31 20.69 13.91
CA GLU A 126 -3.25 21.74 13.46
C GLU A 126 -4.65 21.39 13.92
N CYS A 127 -5.48 22.41 13.94
CA CYS A 127 -6.86 22.39 14.44
C CYS A 127 -7.74 23.20 13.50
N SER A 128 -8.74 22.56 12.91
CA SER A 128 -9.72 23.16 11.98
C SER A 128 -10.62 24.13 12.74
N PRO A 129 -11.25 25.11 12.06
CA PRO A 129 -12.50 25.69 12.55
C PRO A 129 -13.57 24.60 12.69
N ALA A 130 -14.65 24.91 13.41
CA ALA A 130 -15.87 24.09 13.52
C ALA A 130 -16.37 23.76 12.11
N VAL A 131 -16.48 22.46 11.81
CA VAL A 131 -16.97 21.95 10.48
C VAL A 131 -18.23 21.11 10.74
N CYS A 132 -19.18 21.10 9.80
CA CYS A 132 -20.56 20.57 10.00
C CYS A 132 -20.59 19.10 9.61
N MET A 133 -21.23 18.27 10.42
CA MET A 133 -21.23 16.80 10.23
C MET A 133 -22.23 16.41 9.15
N ASP A 134 -23.40 17.04 9.08
CA ASP A 134 -24.46 16.64 8.11
C ASP A 134 -25.46 17.79 8.05
N PRO A 135 -25.10 18.92 7.43
CA PRO A 135 -25.76 20.18 7.74
C PRO A 135 -27.22 20.19 7.25
N GLY A 136 -27.60 19.29 6.35
CA GLY A 136 -29.02 19.15 5.93
C GLY A 136 -29.86 18.42 6.96
N LEU A 137 -29.24 17.81 7.99
CA LEU A 137 -29.92 17.01 9.03
C LEU A 137 -29.75 17.64 10.42
N SER A 138 -28.54 18.02 10.81
CA SER A 138 -28.15 18.36 12.21
C SER A 138 -27.32 19.65 12.24
N ASN A 139 -27.27 20.31 13.39
CA ASN A 139 -26.40 21.48 13.67
C ASN A 139 -25.03 20.98 14.12
N CYS A 140 -24.81 19.67 14.18
CA CYS A 140 -23.61 19.08 14.80
C CYS A 140 -22.34 19.51 14.07
N THR A 141 -21.33 19.89 14.85
CA THR A 141 -20.02 20.37 14.36
C THR A 141 -18.90 19.64 15.11
N ILE A 142 -17.74 19.60 14.46
CA ILE A 142 -16.47 19.17 15.08
C ILE A 142 -15.36 20.14 14.71
N HIS A 143 -14.31 20.12 15.52
CA HIS A 143 -12.93 20.46 15.08
C HIS A 143 -12.26 19.18 14.60
N ILE A 144 -11.70 19.26 13.40
CA ILE A 144 -10.81 18.22 12.86
C ILE A 144 -9.40 18.58 13.31
N VAL A 145 -8.83 17.75 14.18
CA VAL A 145 -7.49 18.12 14.73
C VAL A 145 -6.49 17.10 14.20
N THR A 146 -5.47 17.59 13.49
CA THR A 146 -4.33 16.80 13.00
C THR A 146 -3.31 16.73 14.13
N VAL A 147 -2.90 15.50 14.45
CA VAL A 147 -1.95 15.17 15.54
C VAL A 147 -0.92 14.22 14.95
N THR A 148 0.36 14.47 15.19
CA THR A 148 1.46 13.54 14.90
C THR A 148 1.72 12.69 16.15
N ILE A 149 1.98 11.41 15.97
CA ILE A 149 2.34 10.46 17.06
C ILE A 149 3.78 10.02 16.81
N ASN A 150 4.66 10.29 17.77
CA ASN A 150 6.09 9.89 17.66
C ASN A 150 6.10 8.42 18.06
N GLY A 151 6.06 7.52 17.07
CA GLY A 151 6.04 6.07 17.31
C GLY A 151 7.38 5.56 17.81
N ASP A 152 8.41 6.40 17.77
CA ASP A 152 9.79 6.11 18.26
C ASP A 152 9.89 6.39 19.76
N ASP A 153 8.98 7.20 20.35
CA ASP A 153 8.96 7.48 21.82
C ASP A 153 8.50 6.23 22.58
N ALA A 154 9.17 5.91 23.69
CA ALA A 154 8.86 4.71 24.51
C ALA A 154 7.43 4.82 25.07
N GLU A 155 6.90 6.05 25.24
CA GLU A 155 5.50 6.30 25.71
C GLU A 155 4.50 5.71 24.72
N ASN A 156 4.89 5.48 23.46
CA ASN A 156 3.98 5.10 22.34
C ASN A 156 4.34 3.70 21.86
N ALA A 157 4.97 2.91 22.71
CA ALA A 157 5.63 1.64 22.34
C ALA A 157 4.57 0.54 22.25
N ARG A 158 3.93 0.21 23.38
CA ARG A 158 2.86 -0.82 23.46
C ARG A 158 1.60 -0.11 23.98
N PRO A 159 0.99 0.77 23.18
CA PRO A 159 -0.05 1.68 23.67
C PRO A 159 -1.35 0.96 24.05
N LYS A 160 -1.82 1.13 25.29
CA LYS A 160 -3.05 0.50 25.85
C LYS A 160 -4.23 1.47 25.71
N PRO A 161 -5.29 1.14 24.94
CA PRO A 161 -6.55 1.90 25.03
C PRO A 161 -7.07 2.00 26.48
N LYS A 162 -7.62 3.16 26.85
CA LYS A 162 -8.34 3.39 28.14
C LYS A 162 -9.79 3.74 27.81
N PRO A 163 -10.60 2.77 27.36
CA PRO A 163 -12.01 3.03 27.07
C PRO A 163 -12.83 3.30 28.33
N GLY A 164 -13.63 4.38 28.33
CA GLY A 164 -14.62 4.71 29.37
C GLY A 164 -15.74 3.68 29.40
N ASP A 165 -16.73 3.86 30.28
CA ASP A 165 -17.81 2.86 30.48
C ASP A 165 -18.58 2.68 29.16
N GLY A 166 -18.70 1.44 28.67
CA GLY A 166 -19.44 1.09 27.44
C GLY A 166 -18.67 1.46 26.17
N GLU A 167 -17.40 1.84 26.27
CA GLU A 167 -16.47 2.03 25.12
C GLU A 167 -15.78 0.69 24.86
N PHE A 168 -15.75 0.25 23.60
CA PHE A 168 -15.00 -0.94 23.13
C PHE A 168 -14.41 -0.61 21.76
N VAL A 169 -13.11 -0.33 21.72
CA VAL A 169 -12.44 0.24 20.53
C VAL A 169 -11.30 -0.68 20.11
N GLU A 170 -11.28 -1.04 18.84
CA GLU A 170 -10.15 -1.69 18.13
C GLU A 170 -9.39 -0.62 17.34
N VAL A 171 -8.06 -0.63 17.45
CA VAL A 171 -7.14 0.27 16.70
C VAL A 171 -6.75 -0.40 15.39
N ILE A 172 -6.87 0.34 14.30
CA ILE A 172 -6.41 -0.11 12.95
C ILE A 172 -5.52 0.98 12.38
N SER A 173 -4.22 0.72 12.25
CA SER A 173 -3.24 1.65 11.63
C SER A 173 -2.96 1.22 10.20
N LEU A 174 -3.19 2.11 9.24
CA LEU A 174 -3.08 1.77 7.81
C LEU A 174 -2.11 2.73 7.14
N PRO A 175 -1.24 2.26 6.22
CA PRO A 175 -0.25 3.10 5.58
C PRO A 175 -0.97 4.21 4.81
N LYS A 176 -0.57 5.43 5.13
CA LYS A 176 -1.10 6.63 4.47
C LYS A 176 -1.01 6.48 2.95
N ASN A 177 0.09 5.85 2.49
CA ASN A 177 0.47 5.79 1.05
C ASN A 177 -0.41 4.77 0.32
N ASP A 178 -1.22 3.99 1.04
CA ASP A 178 -2.12 2.95 0.47
C ASP A 178 -3.47 2.95 1.19
N LEU A 179 -3.89 4.08 1.77
CA LEU A 179 -5.01 4.05 2.74
C LEU A 179 -6.31 3.57 2.05
N LEU A 180 -6.61 4.10 0.89
CA LEU A 180 -7.87 3.79 0.19
C LEU A 180 -7.96 2.30 -0.14
N GLN A 181 -6.89 1.69 -0.69
CA GLN A 181 -6.95 0.25 -1.07
C GLN A 181 -6.99 -0.57 0.22
N ARG A 182 -6.39 -0.08 1.30
CA ARG A 182 -6.42 -0.84 2.57
C ARG A 182 -7.82 -0.82 3.18
N LEU A 183 -8.53 0.30 3.10
CA LEU A 183 -9.95 0.45 3.53
C LEU A 183 -10.87 -0.42 2.63
N ASP A 184 -10.67 -0.39 1.31
CA ASP A 184 -11.43 -1.24 0.35
C ASP A 184 -11.23 -2.72 0.72
N ALA A 185 -10.00 -3.15 1.01
CA ALA A 185 -9.70 -4.56 1.38
C ALA A 185 -10.45 -4.94 2.65
N LEU A 186 -10.53 -4.02 3.64
CA LEU A 186 -11.25 -4.27 4.92
C LEU A 186 -12.76 -4.36 4.68
N VAL A 187 -13.33 -3.49 3.86
CA VAL A 187 -14.76 -3.52 3.44
C VAL A 187 -15.06 -4.83 2.71
N ALA A 188 -14.15 -5.26 1.83
CA ALA A 188 -14.28 -6.47 0.99
C ALA A 188 -13.75 -7.70 1.73
N GLU A 189 -13.98 -7.79 3.04
CA GLU A 189 -13.46 -8.89 3.91
C GLU A 189 -14.34 -9.08 5.14
N GLU A 190 -15.42 -8.29 5.26
CA GLU A 190 -16.37 -8.36 6.42
C GLU A 190 -17.41 -7.24 6.30
N HIS A 191 -18.49 -7.33 7.10
CA HIS A 191 -19.57 -6.32 7.19
C HIS A 191 -19.11 -5.16 8.07
N LEU A 192 -18.90 -3.98 7.48
CA LEU A 192 -18.46 -2.77 8.21
C LEU A 192 -18.48 -1.59 7.25
N THR A 193 -18.79 -0.41 7.79
CA THR A 193 -18.93 0.88 7.07
C THR A 193 -17.70 1.74 7.37
N VAL A 194 -17.12 2.33 6.34
CA VAL A 194 -16.05 3.33 6.52
C VAL A 194 -16.76 4.67 6.71
N ASP A 195 -16.26 5.48 7.61
CA ASP A 195 -16.79 6.85 7.81
C ASP A 195 -16.53 7.69 6.56
N ALA A 196 -17.48 8.55 6.20
CA ALA A 196 -17.38 9.44 5.01
C ALA A 196 -16.13 10.31 5.10
N ARG A 197 -15.76 10.74 6.30
CA ARG A 197 -14.60 11.67 6.46
C ARG A 197 -13.32 10.87 6.24
N VAL A 198 -13.22 9.67 6.79
CA VAL A 198 -12.07 8.78 6.51
C VAL A 198 -11.98 8.52 5.00
N TYR A 199 -13.10 8.28 4.34
CA TYR A 199 -13.13 7.92 2.89
C TYR A 199 -12.73 9.13 2.05
N SER A 200 -13.18 10.33 2.44
CA SER A 200 -12.87 11.59 1.73
C SER A 200 -11.37 11.84 1.84
N TYR A 201 -10.82 11.64 3.03
CA TYR A 201 -9.36 11.81 3.28
C TYR A 201 -8.58 10.79 2.43
N ALA A 202 -8.94 9.49 2.48
CA ALA A 202 -8.31 8.44 1.63
C ALA A 202 -8.46 8.77 0.14
N LEU A 203 -9.60 9.26 -0.33
CA LEU A 203 -9.77 9.68 -1.76
C LEU A 203 -8.76 10.79 -2.10
N ALA A 204 -8.69 11.84 -1.27
CA ALA A 204 -7.78 12.98 -1.53
C ALA A 204 -6.33 12.48 -1.55
N LEU A 205 -5.90 11.59 -0.66
CA LEU A 205 -4.53 11.02 -0.72
C LEU A 205 -4.28 10.41 -2.11
N LYS A 206 -5.24 9.67 -2.67
CA LYS A 206 -5.12 9.08 -4.03
C LYS A 206 -5.09 10.22 -5.05
N HIS A 207 -6.03 11.18 -5.00
CA HIS A 207 -6.15 12.24 -6.04
C HIS A 207 -4.96 13.19 -6.04
N ALA A 208 -4.26 13.41 -4.92
CA ALA A 208 -3.24 14.49 -4.85
C ALA A 208 -2.17 14.25 -5.92
N LYS B 15 -19.83 -9.54 18.01
CA LYS B 15 -19.91 -9.56 19.49
C LYS B 15 -21.04 -8.65 19.98
N GLN B 16 -21.19 -7.45 19.40
CA GLN B 16 -22.26 -6.47 19.74
C GLN B 16 -23.32 -6.49 18.64
N TYR B 17 -24.56 -6.19 18.97
CA TYR B 17 -25.66 -6.25 17.98
C TYR B 17 -26.89 -5.51 18.53
N ILE B 18 -27.83 -5.24 17.63
CA ILE B 18 -29.13 -4.60 17.94
C ILE B 18 -30.04 -5.70 18.52
N ILE B 19 -30.72 -5.40 19.62
CA ILE B 19 -31.77 -6.26 20.22
C ILE B 19 -33.11 -5.75 19.71
N SER B 20 -33.39 -4.45 19.87
CA SER B 20 -34.66 -3.80 19.45
C SER B 20 -34.49 -2.30 19.26
N GLU B 21 -35.43 -1.70 18.53
CA GLU B 21 -35.52 -0.24 18.28
C GLU B 21 -36.90 0.26 18.72
N GLU B 22 -36.96 1.26 19.60
CA GLU B 22 -38.21 1.94 20.00
C GLU B 22 -38.31 3.27 19.25
N LEU B 23 -39.33 3.43 18.41
CA LEU B 23 -39.71 4.74 17.82
C LEU B 23 -40.05 5.75 18.94
N ILE B 24 -39.30 6.86 19.04
CA ILE B 24 -39.52 7.93 20.06
C ILE B 24 -40.38 9.02 19.42
N SER B 25 -40.12 9.35 18.16
CA SER B 25 -40.71 10.52 17.47
C SER B 25 -40.41 10.37 15.98
N GLU B 26 -41.44 10.42 15.14
CA GLU B 26 -41.37 10.38 13.66
C GLU B 26 -41.87 11.73 13.15
N GLY B 27 -41.08 12.42 12.34
CA GLY B 27 -41.57 13.55 11.53
C GLY B 27 -41.73 13.10 10.10
N LYS B 28 -41.83 14.04 9.17
CA LYS B 28 -41.99 13.77 7.73
C LYS B 28 -40.67 13.29 7.10
N TRP B 29 -39.53 13.73 7.65
CA TRP B 29 -38.18 13.55 7.06
C TRP B 29 -37.22 12.80 7.99
N VAL B 30 -37.42 12.93 9.31
CA VAL B 30 -36.45 12.43 10.34
C VAL B 30 -37.23 11.74 11.47
N LYS B 31 -36.67 10.66 12.03
CA LYS B 31 -37.20 9.94 13.22
C LYS B 31 -36.09 9.76 14.27
N LEU B 32 -36.47 9.76 15.56
CA LEU B 32 -35.57 9.53 16.72
C LEU B 32 -35.94 8.18 17.32
N GLU B 33 -35.00 7.25 17.39
CA GLU B 33 -35.21 5.86 17.91
C GLU B 33 -34.41 5.68 19.20
N LYS B 34 -34.95 4.92 20.15
CA LYS B 34 -34.17 4.44 21.31
C LYS B 34 -33.74 3.03 20.95
N THR B 35 -32.45 2.84 20.70
CA THR B 35 -31.86 1.56 20.29
C THR B 35 -31.36 0.82 21.53
N THR B 36 -31.84 -0.41 21.71
CA THR B 36 -31.31 -1.32 22.75
C THR B 36 -30.29 -2.24 22.07
N TYR B 37 -29.07 -2.31 22.61
CA TYR B 37 -27.98 -3.13 22.02
C TYR B 37 -27.27 -3.92 23.13
N MET B 38 -26.58 -5.00 22.74
CA MET B 38 -25.75 -5.83 23.65
C MET B 38 -24.31 -5.33 23.55
N ASP B 39 -23.74 -4.88 24.65
CA ASP B 39 -22.31 -4.49 24.70
C ASP B 39 -21.50 -5.79 24.79
N PRO B 40 -20.17 -5.77 24.60
CA PRO B 40 -19.38 -7.00 24.57
C PRO B 40 -19.30 -7.75 25.91
N THR B 41 -19.50 -7.06 27.04
CA THR B 41 -19.48 -7.67 28.39
C THR B 41 -20.72 -8.54 28.59
N GLY B 42 -21.72 -8.46 27.71
CA GLY B 42 -23.04 -9.11 27.86
C GLY B 42 -24.01 -8.21 28.62
N LYS B 43 -23.72 -6.91 28.73
CA LYS B 43 -24.63 -5.91 29.36
C LYS B 43 -25.46 -5.23 28.26
N THR B 44 -26.77 -5.13 28.48
CA THR B 44 -27.73 -4.47 27.56
C THR B 44 -27.63 -2.95 27.81
N ARG B 45 -27.62 -2.15 26.74
CA ARG B 45 -27.44 -0.67 26.84
C ARG B 45 -28.38 0.00 25.85
N THR B 46 -28.65 1.30 26.05
CA THR B 46 -29.57 2.09 25.19
C THR B 46 -28.81 3.22 24.49
N TRP B 47 -29.21 3.51 23.25
CA TRP B 47 -28.64 4.62 22.43
C TRP B 47 -29.77 5.43 21.82
N GLU B 48 -29.63 6.76 21.81
CA GLU B 48 -30.55 7.66 21.06
C GLU B 48 -29.97 7.80 19.66
N SER B 49 -30.72 7.30 18.66
CA SER B 49 -30.31 7.13 17.25
C SER B 49 -31.26 7.91 16.33
N VAL B 50 -30.68 8.68 15.39
CA VAL B 50 -31.47 9.47 14.40
C VAL B 50 -31.48 8.65 13.12
N LYS B 51 -32.63 8.52 12.47
CA LYS B 51 -32.72 7.96 11.09
C LYS B 51 -33.52 8.92 10.20
N ARG B 52 -33.25 8.92 8.89
CA ARG B 52 -34.18 9.51 7.89
C ARG B 52 -35.38 8.56 7.69
N THR B 53 -36.50 9.13 7.22
CA THR B 53 -37.72 8.38 6.85
C THR B 53 -37.73 8.09 5.34
N THR B 54 -36.68 8.45 4.61
CA THR B 54 -36.68 8.51 3.11
C THR B 54 -35.96 7.31 2.47
N ARG B 55 -35.15 6.55 3.22
CA ARG B 55 -34.38 5.43 2.61
C ARG B 55 -35.31 4.25 2.31
N LYS B 56 -35.13 3.63 1.13
CA LYS B 56 -35.92 2.47 0.61
C LYS B 56 -35.04 1.21 0.61
N GLN B 58 -32.50 1.18 -1.56
CA GLN B 58 -31.47 2.26 -1.53
C GLN B 58 -30.15 1.69 -1.00
N THR B 59 -29.06 1.91 -1.75
CA THR B 59 -27.64 1.60 -1.38
C THR B 59 -27.22 2.47 -0.18
N ALA B 60 -27.86 3.63 -0.03
CA ALA B 60 -27.48 4.72 0.89
C ALA B 60 -28.59 5.79 0.84
N ASP B 61 -28.59 6.70 1.80
CA ASP B 61 -29.54 7.85 1.82
C ASP B 61 -29.22 8.74 0.61
N GLY B 62 -27.94 9.04 0.39
CA GLY B 62 -27.47 10.19 -0.41
C GLY B 62 -26.24 9.86 -1.24
N VAL B 63 -25.91 10.79 -2.13
CA VAL B 63 -24.62 10.89 -2.86
C VAL B 63 -24.02 12.24 -2.47
N ALA B 64 -22.71 12.31 -2.39
CA ALA B 64 -21.94 13.56 -2.41
C ALA B 64 -20.97 13.46 -3.59
N VAL B 65 -20.84 14.53 -4.34
CA VAL B 65 -20.06 14.52 -5.59
C VAL B 65 -18.82 15.35 -5.31
N ILE B 66 -17.67 14.73 -5.50
CA ILE B 66 -16.36 15.44 -5.65
C ILE B 66 -16.19 15.77 -7.13
N PRO B 67 -16.53 17.01 -7.55
CA PRO B 67 -16.49 17.38 -8.96
C PRO B 67 -15.15 18.09 -9.22
N VAL B 68 -14.29 17.45 -10.01
CA VAL B 68 -13.00 18.01 -10.48
C VAL B 68 -13.22 18.69 -11.83
N LEU B 69 -13.23 20.03 -11.82
CA LEU B 69 -13.36 20.89 -13.00
C LEU B 69 -11.99 21.04 -13.68
N GLN B 70 -11.84 20.43 -14.83
CA GLN B 70 -10.56 20.39 -15.57
C GLN B 70 -10.71 21.26 -16.80
N ARG B 71 -10.01 22.41 -16.82
CA ARG B 71 -9.86 23.30 -18.00
C ARG B 71 -8.37 23.41 -18.34
N THR B 72 -8.00 23.23 -19.60
CA THR B 72 -6.58 23.33 -20.02
C THR B 72 -6.07 24.75 -19.73
N LEU B 73 -4.79 24.86 -19.35
CA LEU B 73 -4.09 26.13 -19.00
C LEU B 73 -4.72 26.80 -17.77
N HIS B 74 -5.46 26.06 -16.96
CA HIS B 74 -6.05 26.55 -15.68
C HIS B 74 -5.66 25.56 -14.58
N TYR B 75 -5.72 25.99 -13.33
CA TYR B 75 -5.63 25.05 -12.18
C TYR B 75 -6.84 24.12 -12.20
N GLU B 76 -6.66 22.83 -11.92
CA GLU B 76 -7.83 22.00 -11.56
C GLU B 76 -8.55 22.68 -10.41
N CYS B 77 -9.87 22.69 -10.46
CA CYS B 77 -10.72 23.20 -9.36
C CYS B 77 -11.66 22.10 -8.85
N ILE B 78 -11.98 22.21 -7.56
CA ILE B 78 -13.04 21.40 -6.92
C ILE B 78 -14.26 22.31 -6.86
N VAL B 79 -15.39 21.81 -7.39
CA VAL B 79 -16.67 22.55 -7.45
C VAL B 79 -17.48 22.24 -6.19
N LEU B 80 -17.80 23.27 -5.43
CA LEU B 80 -18.50 23.19 -4.12
C LEU B 80 -19.75 24.05 -4.20
N VAL B 81 -20.69 23.82 -3.31
CA VAL B 81 -21.94 24.62 -3.28
C VAL B 81 -22.07 25.26 -1.90
N LYS B 82 -22.57 26.50 -1.89
CA LYS B 82 -22.93 27.27 -0.68
C LYS B 82 -24.46 27.33 -0.65
N GLN B 83 -25.03 27.06 0.52
CA GLN B 83 -26.49 26.91 0.75
C GLN B 83 -26.79 27.33 2.18
N PHE B 84 -27.93 27.98 2.39
CA PHE B 84 -28.48 28.16 3.75
C PHE B 84 -28.87 26.76 4.22
N ARG B 85 -28.39 26.36 5.41
CA ARG B 85 -28.77 25.04 5.99
C ARG B 85 -29.54 25.33 7.28
N PRO B 86 -30.88 25.18 7.26
CA PRO B 86 -31.70 25.48 8.42
C PRO B 86 -31.21 24.86 9.73
N PRO B 87 -30.79 23.58 9.76
CA PRO B 87 -30.28 23.00 11.01
C PRO B 87 -29.05 23.72 11.59
N MET B 88 -28.18 24.26 10.74
CA MET B 88 -26.97 25.02 11.16
C MET B 88 -27.34 26.47 11.44
N GLY B 89 -28.48 26.94 10.94
CA GLY B 89 -28.90 28.36 11.07
C GLY B 89 -27.93 29.29 10.38
N GLY B 90 -27.30 28.81 9.31
CA GLY B 90 -26.29 29.58 8.55
C GLY B 90 -25.92 28.94 7.22
N TYR B 91 -25.04 29.61 6.51
CA TYR B 91 -24.54 29.18 5.17
C TYR B 91 -23.39 28.17 5.36
N CYS B 92 -23.41 27.09 4.58
CA CYS B 92 -22.42 26.00 4.57
C CYS B 92 -21.83 25.78 3.17
N ILE B 93 -20.52 25.53 3.12
CA ILE B 93 -19.79 25.10 1.89
C ILE B 93 -19.68 23.57 1.91
N GLU B 94 -20.13 22.96 0.84
CA GLU B 94 -20.38 21.50 0.72
C GLU B 94 -20.03 21.01 -0.69
N PHE B 95 -19.73 19.73 -0.80
CA PHE B 95 -19.78 18.96 -2.07
C PHE B 95 -21.23 18.94 -2.53
N PRO B 96 -21.49 19.17 -3.84
CA PRO B 96 -22.83 18.95 -4.37
C PRO B 96 -23.32 17.58 -3.90
N ALA B 97 -24.60 17.49 -3.53
CA ALA B 97 -25.12 16.35 -2.78
C ALA B 97 -26.64 16.36 -2.81
N GLY B 98 -27.21 15.18 -2.81
CA GLY B 98 -28.65 15.00 -2.58
C GLY B 98 -28.97 13.57 -2.26
N LEU B 99 -30.21 13.33 -1.83
CA LEU B 99 -30.79 11.99 -1.57
C LEU B 99 -31.01 11.28 -2.92
N ILE B 100 -30.79 9.98 -2.95
CA ILE B 100 -30.96 9.10 -4.14
C ILE B 100 -32.45 8.75 -4.26
N ASP B 101 -33.06 8.95 -5.44
CA ASP B 101 -34.49 8.61 -5.69
C ASP B 101 -34.65 7.08 -5.63
N ASP B 102 -35.83 6.58 -5.22
CA ASP B 102 -36.20 5.14 -5.39
C ASP B 102 -35.96 4.75 -6.85
N GLY B 103 -35.23 3.65 -7.09
CA GLY B 103 -34.94 3.13 -8.44
C GLY B 103 -33.72 3.76 -9.10
N GLU B 104 -33.19 4.84 -8.53
CA GLU B 104 -31.96 5.52 -9.05
C GLU B 104 -30.72 4.76 -8.57
N THR B 105 -29.71 4.66 -9.44
CA THR B 105 -28.34 4.20 -9.11
C THR B 105 -27.56 5.36 -8.47
N PRO B 106 -26.64 5.07 -7.52
CA PRO B 106 -25.78 6.13 -6.97
C PRO B 106 -25.10 7.00 -8.04
N GLU B 107 -24.55 6.38 -9.08
CA GLU B 107 -23.90 7.10 -10.21
C GLU B 107 -24.86 8.09 -10.85
N ALA B 108 -26.12 7.70 -11.07
CA ALA B 108 -27.10 8.50 -11.83
C ALA B 108 -27.51 9.70 -10.97
N ALA B 109 -27.75 9.48 -9.67
CA ALA B 109 -28.05 10.52 -8.66
C ALA B 109 -26.93 11.57 -8.67
N ALA B 110 -25.68 11.12 -8.77
CA ALA B 110 -24.47 11.95 -8.73
C ALA B 110 -24.50 12.91 -9.91
N LEU B 111 -24.64 12.38 -11.14
CA LEU B 111 -24.63 13.26 -12.33
C LEU B 111 -25.84 14.19 -12.28
N ARG B 112 -27.00 13.72 -11.82
CA ARG B 112 -28.24 14.54 -11.74
C ARG B 112 -28.02 15.66 -10.73
N GLU B 113 -27.63 15.31 -9.50
CA GLU B 113 -27.48 16.32 -8.41
C GLU B 113 -26.44 17.36 -8.86
N LEU B 114 -25.38 16.91 -9.53
CA LEU B 114 -24.29 17.79 -9.98
C LEU B 114 -24.84 18.80 -11.00
N GLU B 115 -25.73 18.37 -11.91
CA GLU B 115 -26.28 19.32 -12.92
C GLU B 115 -27.31 20.22 -12.26
N GLU B 116 -28.22 19.67 -11.45
CA GLU B 116 -29.23 20.49 -10.74
C GLU B 116 -28.49 21.57 -9.93
N GLU B 117 -27.46 21.19 -9.19
CA GLU B 117 -26.83 22.11 -8.19
C GLU B 117 -25.83 23.04 -8.89
N THR B 118 -25.11 22.58 -9.92
CA THR B 118 -24.01 23.39 -10.51
C THR B 118 -24.30 23.77 -11.98
N GLY B 119 -25.23 23.07 -12.66
CA GLY B 119 -25.36 23.12 -14.13
C GLY B 119 -24.24 22.37 -14.83
N TYR B 120 -23.27 21.77 -14.13
CA TYR B 120 -22.15 21.05 -14.81
C TYR B 120 -22.61 19.66 -15.20
N LYS B 121 -22.12 19.21 -16.37
CA LYS B 121 -22.29 17.86 -16.92
C LYS B 121 -20.94 17.15 -16.81
N GLY B 122 -20.91 15.99 -16.16
CA GLY B 122 -19.67 15.37 -15.70
C GLY B 122 -19.66 13.91 -16.04
N ASP B 123 -18.52 13.27 -15.79
CA ASP B 123 -18.25 11.85 -16.11
C ASP B 123 -17.85 11.17 -14.80
N ILE B 124 -18.40 9.99 -14.52
CA ILE B 124 -18.01 9.16 -13.33
C ILE B 124 -16.53 8.77 -13.47
N ALA B 125 -15.73 9.00 -12.43
CA ALA B 125 -14.36 8.44 -12.31
C ALA B 125 -14.42 7.20 -11.41
N GLU B 126 -15.09 7.31 -10.27
CA GLU B 126 -15.15 6.23 -9.26
C GLU B 126 -16.32 6.50 -8.30
N CYS B 127 -16.79 5.44 -7.64
CA CYS B 127 -17.95 5.45 -6.70
C CYS B 127 -17.56 4.68 -5.45
N SER B 128 -17.71 5.31 -4.29
CA SER B 128 -17.40 4.67 -3.00
C SER B 128 -18.49 3.66 -2.68
N PRO B 129 -18.22 2.69 -1.80
CA PRO B 129 -19.30 2.02 -1.06
C PRO B 129 -20.05 3.01 -0.16
N ALA B 130 -21.14 2.55 0.48
CA ALA B 130 -21.91 3.44 1.39
C ALA B 130 -20.98 3.78 2.56
N VAL B 131 -20.89 5.07 2.88
CA VAL B 131 -20.03 5.54 4.01
C VAL B 131 -20.96 6.27 4.97
N CYS B 132 -20.67 6.24 6.27
CA CYS B 132 -21.57 6.82 7.27
C CYS B 132 -21.24 8.32 7.42
N MET B 133 -22.27 9.12 7.66
CA MET B 133 -22.16 10.60 7.84
C MET B 133 -21.82 10.94 9.30
N ASP B 134 -22.40 10.24 10.28
CA ASP B 134 -22.23 10.59 11.71
C ASP B 134 -22.73 9.43 12.55
N PRO B 135 -21.97 8.30 12.62
CA PRO B 135 -22.50 7.01 13.05
C PRO B 135 -22.79 6.90 14.55
N GLY B 136 -22.24 7.82 15.37
CA GLY B 136 -22.56 8.00 16.79
C GLY B 136 -23.92 8.65 16.97
N LEU B 137 -24.46 9.28 15.94
CA LEU B 137 -25.77 9.98 16.04
C LEU B 137 -26.80 9.26 15.16
N SER B 138 -26.50 9.08 13.87
CA SER B 138 -27.46 8.67 12.81
C SER B 138 -27.01 7.41 12.08
N ASN B 139 -27.91 6.85 11.29
CA ASN B 139 -27.61 5.74 10.35
C ASN B 139 -27.38 6.31 8.94
N CYS B 140 -27.31 7.63 8.78
CA CYS B 140 -27.24 8.24 7.44
C CYS B 140 -25.94 7.82 6.74
N THR B 141 -26.09 7.40 5.48
CA THR B 141 -24.94 7.01 4.62
C THR B 141 -25.05 7.70 3.26
N ILE B 142 -23.90 7.81 2.58
CA ILE B 142 -23.79 8.33 1.19
C ILE B 142 -22.84 7.45 0.40
N HIS B 143 -22.96 7.51 -0.92
CA HIS B 143 -21.89 7.16 -1.87
C HIS B 143 -21.15 8.45 -2.18
N ILE B 144 -19.84 8.48 -1.96
CA ILE B 144 -19.02 9.60 -2.47
C ILE B 144 -18.69 9.28 -3.91
N VAL B 145 -18.99 10.19 -4.82
CA VAL B 145 -18.87 9.94 -6.28
C VAL B 145 -17.92 10.99 -6.84
N THR B 146 -16.75 10.55 -7.26
CA THR B 146 -15.72 11.39 -7.91
C THR B 146 -16.11 11.52 -9.37
N VAL B 147 -16.23 12.75 -9.83
CA VAL B 147 -16.69 13.12 -11.20
C VAL B 147 -15.68 14.13 -11.74
N THR B 148 -15.25 13.96 -12.99
CA THR B 148 -14.47 14.98 -13.74
C THR B 148 -15.44 15.78 -14.61
N ILE B 149 -15.19 17.08 -14.74
CA ILE B 149 -15.99 17.98 -15.61
C ILE B 149 -15.04 18.55 -16.65
N ASN B 150 -15.30 18.21 -17.92
CA ASN B 150 -14.50 18.72 -19.05
C ASN B 150 -14.93 20.17 -19.24
N GLY B 151 -14.23 21.11 -18.60
CA GLY B 151 -14.65 22.53 -18.59
C GLY B 151 -14.46 23.16 -19.97
N ASP B 152 -13.84 22.46 -20.92
CA ASP B 152 -13.50 23.00 -22.26
C ASP B 152 -14.59 22.61 -23.25
N ASP B 153 -15.48 21.68 -22.88
CA ASP B 153 -16.64 21.25 -23.70
C ASP B 153 -17.69 22.35 -23.66
N ALA B 154 -18.38 22.54 -24.79
CA ALA B 154 -19.43 23.56 -25.01
C ALA B 154 -20.57 23.44 -23.99
N GLU B 155 -20.90 22.23 -23.54
CA GLU B 155 -22.07 21.98 -22.64
C GLU B 155 -21.78 22.51 -21.23
N ASN B 156 -20.51 22.80 -20.91
CA ASN B 156 -20.03 23.27 -19.59
C ASN B 156 -19.44 24.67 -19.73
N ALA B 157 -19.72 25.35 -20.86
CA ALA B 157 -19.24 26.74 -21.12
C ALA B 157 -19.99 27.74 -20.22
N ARG B 158 -21.33 27.65 -20.20
CA ARG B 158 -22.18 28.58 -19.41
C ARG B 158 -23.18 27.73 -18.64
N PRO B 159 -22.75 27.03 -17.56
CA PRO B 159 -23.54 25.93 -17.01
C PRO B 159 -24.83 26.42 -16.32
N LYS B 160 -25.99 25.85 -16.70
CA LYS B 160 -27.34 26.24 -16.21
C LYS B 160 -27.74 25.37 -15.01
N PRO B 161 -27.61 25.85 -13.75
CA PRO B 161 -28.02 25.07 -12.58
C PRO B 161 -29.56 24.99 -12.51
N LYS B 162 -30.13 23.78 -12.39
CA LYS B 162 -31.61 23.55 -12.30
C LYS B 162 -32.01 23.19 -10.86
N PRO B 163 -32.19 24.19 -9.96
CA PRO B 163 -32.59 23.90 -8.57
C PRO B 163 -34.01 23.33 -8.52
N GLY B 164 -34.27 22.45 -7.55
CA GLY B 164 -35.62 21.95 -7.23
C GLY B 164 -36.41 22.98 -6.44
N ASP B 165 -37.64 22.64 -6.05
CA ASP B 165 -38.48 23.50 -5.18
C ASP B 165 -37.75 23.71 -3.84
N GLY B 166 -37.57 24.97 -3.46
CA GLY B 166 -36.98 25.39 -2.16
C GLY B 166 -35.46 25.19 -2.08
N GLU B 167 -34.76 24.98 -3.19
CA GLU B 167 -33.27 24.90 -3.22
C GLU B 167 -32.72 26.24 -3.74
N PHE B 168 -31.65 26.74 -3.12
CA PHE B 168 -31.02 28.04 -3.42
C PHE B 168 -29.50 27.90 -3.21
N VAL B 169 -28.79 27.61 -4.29
CA VAL B 169 -27.40 27.05 -4.25
C VAL B 169 -26.47 27.96 -5.04
N GLU B 170 -25.43 28.51 -4.38
CA GLU B 170 -24.36 29.32 -5.00
C GLU B 170 -23.18 28.39 -5.34
N VAL B 171 -22.57 28.58 -6.50
CA VAL B 171 -21.48 27.69 -6.96
C VAL B 171 -20.16 28.38 -6.60
N ILE B 172 -19.23 27.61 -6.04
CA ILE B 172 -17.89 28.11 -5.62
C ILE B 172 -16.86 27.07 -6.09
N SER B 173 -16.08 27.42 -7.11
CA SER B 173 -14.94 26.63 -7.65
C SER B 173 -13.65 27.11 -6.99
N LEU B 174 -12.92 26.19 -6.39
CA LEU B 174 -11.65 26.52 -5.70
C LEU B 174 -10.54 25.69 -6.30
N PRO B 175 -9.34 26.25 -6.50
CA PRO B 175 -8.19 25.48 -6.99
C PRO B 175 -7.85 24.31 -6.05
N LYS B 176 -7.74 23.11 -6.61
CA LYS B 176 -7.47 21.84 -5.87
C LYS B 176 -6.14 21.97 -5.10
N ASN B 177 -5.12 22.61 -5.69
CA ASN B 177 -3.74 22.59 -5.15
C ASN B 177 -3.60 23.55 -3.95
N ASP B 178 -4.58 24.43 -3.70
CA ASP B 178 -4.57 25.37 -2.55
C ASP B 178 -5.89 25.29 -1.77
N LEU B 179 -6.61 24.17 -1.85
CA LEU B 179 -8.03 24.10 -1.43
C LEU B 179 -8.11 24.47 0.05
N LEU B 180 -7.28 23.87 0.90
CA LEU B 180 -7.41 24.05 2.37
C LEU B 180 -7.22 25.53 2.75
N GLN B 181 -6.20 26.22 2.23
CA GLN B 181 -5.96 27.68 2.48
C GLN B 181 -7.14 28.48 1.92
N ARG B 182 -7.63 28.17 0.72
CA ARG B 182 -8.80 28.89 0.16
C ARG B 182 -10.03 28.73 1.07
N LEU B 183 -10.30 27.54 1.63
CA LEU B 183 -11.47 27.26 2.49
C LEU B 183 -11.30 28.00 3.82
N ASP B 184 -10.08 27.99 4.37
CA ASP B 184 -9.75 28.67 5.66
C ASP B 184 -10.01 30.16 5.49
N ALA B 185 -9.78 30.70 4.30
CA ALA B 185 -9.96 32.13 3.97
C ALA B 185 -11.46 32.47 3.93
N LEU B 186 -12.26 31.67 3.21
CA LEU B 186 -13.73 31.90 3.16
C LEU B 186 -14.29 31.89 4.58
N VAL B 187 -13.93 30.88 5.39
CA VAL B 187 -14.38 30.78 6.81
C VAL B 187 -14.00 32.09 7.54
N ALA B 188 -12.74 32.51 7.41
CA ALA B 188 -12.15 33.66 8.15
C ALA B 188 -12.93 34.94 7.88
N GLU B 189 -13.46 35.13 6.67
CA GLU B 189 -13.91 36.46 6.17
C GLU B 189 -15.33 36.39 5.58
N GLU B 190 -16.12 35.37 5.88
CA GLU B 190 -17.49 35.21 5.32
C GLU B 190 -18.44 34.54 6.34
N HIS B 191 -17.99 34.26 7.56
CA HIS B 191 -18.68 33.41 8.59
C HIS B 191 -19.53 32.34 7.89
N LEU B 192 -18.85 31.38 7.27
CA LEU B 192 -19.41 30.15 6.67
C LEU B 192 -18.95 28.94 7.49
N THR B 193 -19.72 27.86 7.47
CA THR B 193 -19.28 26.52 7.91
C THR B 193 -18.91 25.68 6.69
N VAL B 194 -17.65 25.24 6.64
CA VAL B 194 -17.19 24.17 5.72
C VAL B 194 -17.67 22.82 6.27
N ASP B 195 -18.15 21.99 5.35
CA ASP B 195 -18.55 20.59 5.60
C ASP B 195 -17.33 19.74 5.96
N ALA B 196 -17.50 18.74 6.83
CA ALA B 196 -16.40 17.94 7.41
C ALA B 196 -15.73 17.08 6.34
N ARG B 197 -16.50 16.55 5.39
CA ARG B 197 -15.97 15.71 4.30
C ARG B 197 -15.17 16.61 3.34
N VAL B 198 -15.61 17.85 3.10
CA VAL B 198 -14.85 18.81 2.25
C VAL B 198 -13.52 19.12 2.97
N TYR B 199 -13.59 19.51 4.23
CA TYR B 199 -12.36 19.83 5.01
C TYR B 199 -11.39 18.64 5.06
N SER B 200 -11.92 17.43 5.22
CA SER B 200 -11.15 16.17 5.33
C SER B 200 -10.39 15.92 4.04
N TYR B 201 -11.08 16.03 2.92
CA TYR B 201 -10.49 15.95 1.56
C TYR B 201 -9.37 17.01 1.43
N ALA B 202 -9.66 18.26 1.79
CA ALA B 202 -8.72 19.41 1.67
C ALA B 202 -7.46 19.19 2.52
N LEU B 203 -7.62 18.65 3.75
CA LEU B 203 -6.51 18.24 4.63
C LEU B 203 -5.63 17.21 3.93
N ALA B 204 -6.20 16.12 3.42
CA ALA B 204 -5.41 15.04 2.79
C ALA B 204 -4.69 15.58 1.55
N LEU B 205 -5.26 16.54 0.81
CA LEU B 205 -4.56 17.13 -0.35
C LEU B 205 -3.23 17.72 0.14
N LYS B 206 -3.20 18.29 1.33
CA LYS B 206 -1.96 18.92 1.90
C LYS B 206 -1.06 17.84 2.51
N HIS B 207 -1.63 16.84 3.17
CA HIS B 207 -0.89 15.79 3.92
C HIS B 207 -0.27 14.73 2.98
N ALA B 208 -0.73 14.64 1.73
CA ALA B 208 -0.16 13.71 0.72
C ALA B 208 1.33 14.01 0.57
N ASN B 209 1.71 15.29 0.52
CA ASN B 209 3.12 15.82 0.64
C ASN B 209 3.46 16.01 2.13
N GLN C 16 21.44 3.27 10.32
CA GLN C 16 22.45 3.45 9.22
C GLN C 16 21.80 4.26 8.08
N TYR C 17 22.60 4.94 7.26
CA TYR C 17 22.11 5.81 6.14
C TYR C 17 23.27 6.19 5.23
N ILE C 18 22.94 6.52 3.98
CA ILE C 18 23.87 6.61 2.82
C ILE C 18 24.39 8.05 2.73
N ILE C 19 25.57 8.28 3.33
CA ILE C 19 26.22 9.63 3.52
C ILE C 19 26.52 10.28 2.14
N SER C 20 27.00 9.52 1.16
CA SER C 20 27.29 10.02 -0.22
C SER C 20 27.82 8.88 -1.10
N GLU C 21 27.56 9.02 -2.40
CA GLU C 21 27.89 8.06 -3.50
C GLU C 21 28.83 8.76 -4.51
N GLU C 22 30.03 8.20 -4.68
CA GLU C 22 31.12 8.74 -5.55
C GLU C 22 31.19 7.93 -6.85
N LEU C 23 31.16 8.61 -8.01
CA LEU C 23 31.13 7.99 -9.37
C LEU C 23 32.55 7.61 -9.83
N ILE C 24 32.82 6.30 -10.00
CA ILE C 24 34.18 5.71 -10.23
C ILE C 24 34.34 5.22 -11.68
N SER C 25 33.27 5.18 -12.49
CA SER C 25 33.28 4.69 -13.90
C SER C 25 31.86 4.50 -14.41
N GLU C 26 31.53 5.09 -15.57
CA GLU C 26 30.16 5.07 -16.16
C GLU C 26 30.25 4.68 -17.64
N GLY C 27 29.81 3.46 -17.96
CA GLY C 27 29.73 2.93 -19.33
C GLY C 27 28.41 3.31 -19.98
N LYS C 28 28.12 2.72 -21.14
CA LYS C 28 26.88 2.97 -21.94
C LYS C 28 25.74 2.08 -21.44
N TRP C 29 25.96 1.24 -20.42
CA TRP C 29 24.96 0.27 -19.88
C TRP C 29 25.02 0.14 -18.35
N VAL C 30 26.19 0.34 -17.72
CA VAL C 30 26.38 0.10 -16.25
C VAL C 30 27.47 1.05 -15.71
N LYS C 31 27.39 1.37 -14.42
CA LYS C 31 28.34 2.30 -13.74
C LYS C 31 28.78 1.71 -12.38
N LEU C 32 29.99 2.05 -11.93
CA LEU C 32 30.56 1.67 -10.60
C LEU C 32 30.56 2.90 -9.68
N GLU C 33 30.52 2.71 -8.35
CA GLU C 33 30.51 3.82 -7.37
C GLU C 33 31.12 3.37 -6.03
N LYS C 34 31.50 4.36 -5.19
CA LYS C 34 31.96 4.18 -3.79
C LYS C 34 30.92 4.84 -2.87
N THR C 35 30.51 4.15 -1.80
CA THR C 35 29.26 4.44 -1.03
C THR C 35 29.57 4.59 0.46
N THR C 36 29.80 5.82 0.93
CA THR C 36 30.17 6.11 2.34
C THR C 36 28.87 6.16 3.18
N TYR C 37 28.92 5.71 4.43
CA TYR C 37 27.70 5.35 5.20
C TYR C 37 28.01 5.23 6.71
N MET C 38 27.09 5.65 7.58
CA MET C 38 27.24 5.53 9.06
C MET C 38 26.76 4.15 9.50
N ASP C 39 27.62 3.35 10.13
CA ASP C 39 27.21 2.03 10.69
C ASP C 39 26.28 2.30 11.87
N PRO C 40 25.79 1.22 12.54
CA PRO C 40 24.89 1.38 13.70
C PRO C 40 25.54 2.07 14.91
N THR C 41 26.83 1.84 15.16
CA THR C 41 27.60 2.34 16.34
C THR C 41 28.09 3.78 16.13
N GLY C 42 28.21 4.26 14.88
CA GLY C 42 28.51 5.67 14.55
C GLY C 42 29.75 5.84 13.69
N LYS C 43 30.62 4.82 13.62
CA LYS C 43 31.77 4.75 12.68
C LYS C 43 31.26 4.96 11.24
N THR C 44 31.75 6.02 10.59
CA THR C 44 31.69 6.23 9.11
C THR C 44 32.52 5.11 8.46
N ARG C 45 31.92 4.38 7.48
CA ARG C 45 32.57 3.27 6.71
C ARG C 45 32.28 3.49 5.22
N THR C 46 32.78 2.58 4.36
CA THR C 46 32.76 2.74 2.89
C THR C 46 32.49 1.40 2.19
N TRP C 47 32.02 1.44 0.94
CA TRP C 47 31.55 0.26 0.16
C TRP C 47 31.67 0.49 -1.35
N GLU C 48 32.00 -0.56 -2.11
CA GLU C 48 32.02 -0.58 -3.61
C GLU C 48 30.62 -0.96 -4.15
N SER C 49 29.98 -0.09 -4.94
CA SER C 49 28.53 -0.15 -5.30
C SER C 49 28.32 -0.06 -6.82
N VAL C 50 27.53 -0.98 -7.39
CA VAL C 50 27.24 -1.04 -8.85
C VAL C 50 25.79 -0.61 -9.07
N LYS C 51 25.53 0.06 -10.20
CA LYS C 51 24.18 0.50 -10.64
C LYS C 51 24.16 0.51 -12.16
N ARG C 52 23.06 0.09 -12.79
CA ARG C 52 22.83 0.22 -14.25
C ARG C 52 22.48 1.68 -14.54
N THR C 53 22.55 2.07 -15.80
CA THR C 53 22.35 3.47 -16.27
C THR C 53 21.19 3.56 -17.25
N THR C 54 20.14 2.77 -17.02
CA THR C 54 18.95 2.66 -17.92
C THR C 54 17.64 2.94 -17.17
N ARG C 55 17.66 3.07 -15.82
CA ARG C 55 16.41 3.18 -15.01
C ARG C 55 16.10 4.66 -14.73
N LYS C 56 14.81 5.00 -14.67
CA LYS C 56 14.28 6.40 -14.52
C LYS C 56 13.45 6.51 -13.24
N GLU C 57 12.12 6.56 -13.35
CA GLU C 57 11.15 6.52 -12.21
C GLU C 57 10.67 5.07 -12.01
N GLN C 58 10.70 4.28 -13.10
CA GLN C 58 10.34 2.84 -13.18
C GLN C 58 10.51 2.17 -11.81
N THR C 59 9.46 1.48 -11.34
CA THR C 59 9.39 0.79 -10.02
C THR C 59 10.66 -0.05 -9.80
N ALA C 60 11.21 -0.62 -10.88
CA ALA C 60 12.47 -1.40 -10.84
C ALA C 60 13.18 -1.33 -12.19
N ASP C 61 14.38 -1.89 -12.25
CA ASP C 61 15.17 -1.99 -13.50
C ASP C 61 14.40 -2.86 -14.51
N GLY C 62 13.87 -3.99 -14.05
CA GLY C 62 13.28 -4.95 -14.99
C GLY C 62 12.29 -5.87 -14.35
N VAL C 63 11.86 -6.86 -15.11
CA VAL C 63 10.92 -7.90 -14.62
C VAL C 63 11.55 -9.27 -14.88
N ALA C 64 11.29 -10.22 -14.00
CA ALA C 64 11.46 -11.66 -14.22
C ALA C 64 10.07 -12.28 -14.17
N VAL C 65 9.78 -13.15 -15.13
CA VAL C 65 8.43 -13.74 -15.30
C VAL C 65 8.53 -15.20 -14.88
N ILE C 66 7.66 -15.61 -13.97
CA ILE C 66 7.46 -17.03 -13.61
C ILE C 66 6.30 -17.53 -14.46
N PRO C 67 6.59 -18.17 -15.61
CA PRO C 67 5.57 -18.48 -16.59
C PRO C 67 5.09 -19.93 -16.32
N VAL C 68 3.88 -20.01 -15.81
CA VAL C 68 3.26 -21.32 -15.47
C VAL C 68 2.38 -21.73 -16.65
N LEU C 69 2.88 -22.72 -17.36
CA LEU C 69 2.19 -23.31 -18.53
C LEU C 69 1.18 -24.34 -18.01
N GLN C 70 -0.08 -24.04 -18.20
CA GLN C 70 -1.24 -24.78 -17.71
C GLN C 70 -1.95 -25.45 -18.87
N ARG C 71 -2.18 -26.76 -18.72
CA ARG C 71 -2.81 -27.61 -19.76
C ARG C 71 -3.76 -28.59 -19.09
N THR C 72 -4.90 -28.83 -19.72
CA THR C 72 -5.96 -29.76 -19.29
C THR C 72 -5.35 -31.10 -18.86
N LEU C 73 -4.47 -31.65 -19.69
CA LEU C 73 -4.06 -33.09 -19.61
C LEU C 73 -2.79 -33.29 -18.79
N HIS C 74 -2.14 -32.22 -18.32
CA HIS C 74 -0.74 -32.28 -17.85
C HIS C 74 -0.58 -31.60 -16.49
N TYR C 75 0.47 -31.98 -15.79
CA TYR C 75 0.99 -31.19 -14.67
C TYR C 75 1.50 -29.86 -15.22
N GLU C 76 1.55 -28.85 -14.37
CA GLU C 76 2.04 -27.52 -14.76
C GLU C 76 3.52 -27.61 -15.09
N CYS C 77 3.94 -26.79 -16.06
CA CYS C 77 5.37 -26.62 -16.37
C CYS C 77 5.79 -25.21 -16.03
N ILE C 78 7.05 -25.03 -15.69
CA ILE C 78 7.63 -23.66 -15.59
C ILE C 78 8.41 -23.47 -16.88
N VAL C 79 8.13 -22.39 -17.61
CA VAL C 79 8.84 -22.10 -18.89
C VAL C 79 10.09 -21.29 -18.54
N LEU C 80 11.26 -21.79 -18.91
CA LEU C 80 12.55 -21.10 -18.71
C LEU C 80 13.16 -20.84 -20.08
N VAL C 81 14.17 -19.98 -20.08
CA VAL C 81 14.95 -19.62 -21.30
C VAL C 81 16.40 -19.89 -21.03
N LYS C 82 17.09 -20.37 -22.05
CA LYS C 82 18.53 -20.61 -22.01
C LYS C 82 19.16 -19.64 -23.02
N GLN C 83 20.19 -18.92 -22.59
CA GLN C 83 20.86 -17.96 -23.47
C GLN C 83 22.32 -17.83 -23.02
N PHE C 84 23.17 -17.53 -23.99
CA PHE C 84 24.57 -17.15 -23.76
C PHE C 84 24.54 -15.82 -23.01
N ARG C 85 25.26 -15.75 -21.89
CA ARG C 85 25.41 -14.54 -21.06
C ARG C 85 26.89 -14.16 -21.02
N PRO C 86 27.27 -13.12 -21.80
CA PRO C 86 28.67 -12.66 -21.85
C PRO C 86 29.38 -12.46 -20.52
N PRO C 87 28.78 -11.83 -19.48
CA PRO C 87 29.43 -11.75 -18.18
C PRO C 87 29.83 -13.11 -17.61
N MET C 88 29.04 -14.15 -17.91
CA MET C 88 29.18 -15.52 -17.32
C MET C 88 30.13 -16.37 -18.17
N GLY C 89 30.34 -16.02 -19.44
CA GLY C 89 31.21 -16.77 -20.38
C GLY C 89 30.50 -18.01 -20.88
N GLY C 90 29.19 -18.09 -20.71
CA GLY C 90 28.49 -19.36 -20.89
C GLY C 90 26.99 -19.18 -20.90
N TYR C 91 26.32 -20.30 -21.10
CA TYR C 91 24.86 -20.36 -21.24
C TYR C 91 24.28 -20.41 -19.84
N CYS C 92 23.13 -19.77 -19.67
CA CYS C 92 22.48 -19.71 -18.34
C CYS C 92 21.04 -20.05 -18.54
N ILE C 93 20.42 -20.63 -17.51
CA ILE C 93 18.99 -20.99 -17.50
C ILE C 93 18.33 -20.03 -16.53
N GLU C 94 17.32 -19.32 -17.03
CA GLU C 94 16.68 -18.17 -16.32
C GLU C 94 15.18 -18.12 -16.59
N PHE C 95 14.48 -17.40 -15.73
CA PHE C 95 13.11 -16.90 -15.99
C PHE C 95 13.21 -15.96 -17.17
N PRO C 96 12.24 -15.98 -18.10
CA PRO C 96 12.18 -14.94 -19.12
C PRO C 96 12.21 -13.60 -18.38
N ALA C 97 12.91 -12.61 -18.93
CA ALA C 97 13.31 -11.38 -18.23
C ALA C 97 13.80 -10.33 -19.21
N GLY C 98 13.61 -9.08 -18.84
CA GLY C 98 14.17 -7.91 -19.54
C GLY C 98 13.82 -6.62 -18.82
N LEU C 99 14.43 -5.53 -19.25
CA LEU C 99 14.20 -4.19 -18.66
C LEU C 99 12.79 -3.72 -19.06
N ILE C 100 12.13 -3.04 -18.12
CA ILE C 100 10.86 -2.27 -18.30
C ILE C 100 11.14 -1.07 -19.22
N ASP C 101 10.45 -0.99 -20.36
CA ASP C 101 10.50 0.18 -21.29
C ASP C 101 9.92 1.43 -20.61
N ASP C 102 10.14 2.59 -21.25
CA ASP C 102 9.65 3.94 -20.86
C ASP C 102 8.11 3.97 -20.87
N GLY C 103 7.49 4.27 -19.72
CA GLY C 103 6.02 4.41 -19.60
C GLY C 103 5.34 3.06 -19.41
N GLU C 104 6.05 1.95 -19.68
CA GLU C 104 5.58 0.56 -19.51
C GLU C 104 5.38 0.26 -18.03
N THR C 105 4.23 -0.31 -17.69
CA THR C 105 3.98 -0.95 -16.38
C THR C 105 4.82 -2.24 -16.28
N PRO C 106 5.22 -2.71 -15.07
CA PRO C 106 5.88 -4.01 -14.95
C PRO C 106 5.05 -5.15 -15.58
N GLU C 107 3.72 -5.08 -15.51
CA GLU C 107 2.85 -6.18 -16.00
C GLU C 107 2.89 -6.24 -17.52
N ALA C 108 2.88 -5.10 -18.23
CA ALA C 108 2.97 -5.04 -19.71
C ALA C 108 4.33 -5.61 -20.13
N ALA C 109 5.37 -5.15 -19.46
CA ALA C 109 6.78 -5.56 -19.63
C ALA C 109 6.87 -7.10 -19.55
N ALA C 110 6.25 -7.67 -18.51
CA ALA C 110 6.23 -9.11 -18.23
C ALA C 110 5.60 -9.85 -19.43
N LEU C 111 4.40 -9.44 -19.88
CA LEU C 111 3.69 -10.13 -21.01
C LEU C 111 4.46 -9.95 -22.32
N ARG C 112 5.07 -8.79 -22.55
CA ARG C 112 5.89 -8.52 -23.76
C ARG C 112 7.18 -9.36 -23.71
N GLU C 113 7.92 -9.32 -22.61
CA GLU C 113 9.20 -10.07 -22.52
C GLU C 113 8.89 -11.57 -22.66
N LEU C 114 7.83 -12.05 -21.99
CA LEU C 114 7.40 -13.48 -22.12
C LEU C 114 7.09 -13.79 -23.58
N GLU C 115 6.27 -12.97 -24.24
CA GLU C 115 5.93 -13.25 -25.66
C GLU C 115 7.22 -13.21 -26.51
N GLU C 116 8.04 -12.18 -26.41
CA GLU C 116 9.27 -12.06 -27.24
C GLU C 116 10.21 -13.28 -27.03
N GLU C 117 10.36 -13.75 -25.79
CA GLU C 117 11.46 -14.69 -25.41
C GLU C 117 10.99 -16.14 -25.55
N THR C 118 9.68 -16.38 -25.51
CA THR C 118 9.09 -17.74 -25.54
C THR C 118 8.07 -17.91 -26.66
N GLY C 119 7.43 -16.84 -27.14
CA GLY C 119 6.26 -16.94 -28.03
C GLY C 119 4.95 -17.20 -27.31
N TYR C 120 4.94 -17.43 -25.99
CA TYR C 120 3.67 -17.67 -25.27
C TYR C 120 2.93 -16.36 -25.00
N LYS C 121 1.61 -16.41 -25.11
CA LYS C 121 0.71 -15.33 -24.64
C LYS C 121 0.14 -15.73 -23.28
N GLY C 122 0.44 -14.94 -22.25
CA GLY C 122 0.08 -15.24 -20.85
C GLY C 122 -0.94 -14.29 -20.28
N ASP C 123 -1.36 -14.56 -19.07
CA ASP C 123 -2.27 -13.73 -18.25
C ASP C 123 -1.53 -13.42 -16.93
N ILE C 124 -1.57 -12.16 -16.48
CA ILE C 124 -0.99 -11.80 -15.16
C ILE C 124 -1.75 -12.56 -14.07
N ALA C 125 -1.02 -13.20 -13.18
CA ALA C 125 -1.55 -13.79 -11.93
C ALA C 125 -1.22 -12.87 -10.75
N GLU C 126 -0.01 -12.33 -10.71
CA GLU C 126 0.53 -11.69 -9.48
C GLU C 126 1.76 -10.86 -9.87
N CYS C 127 1.97 -9.72 -9.20
CA CYS C 127 3.17 -8.88 -9.38
C CYS C 127 3.78 -8.62 -8.01
N SER C 128 5.06 -8.96 -7.83
CA SER C 128 5.83 -8.69 -6.59
C SER C 128 6.12 -7.20 -6.50
N PRO C 129 6.47 -6.71 -5.30
CA PRO C 129 7.09 -5.39 -5.19
C PRO C 129 8.50 -5.42 -5.80
N ALA C 130 9.19 -4.29 -5.88
CA ALA C 130 10.63 -4.26 -6.22
C ALA C 130 11.41 -5.15 -5.23
N VAL C 131 12.17 -6.11 -5.76
CA VAL C 131 13.01 -7.06 -4.98
C VAL C 131 14.45 -6.91 -5.46
N CYS C 132 15.42 -7.02 -4.54
CA CYS C 132 16.86 -6.77 -4.84
C CYS C 132 17.48 -8.05 -5.45
N MET C 133 18.32 -7.88 -6.45
CA MET C 133 19.03 -8.97 -7.19
C MET C 133 20.30 -9.38 -6.44
N ASP C 134 21.12 -8.40 -6.09
CA ASP C 134 22.45 -8.66 -5.46
C ASP C 134 22.73 -7.46 -4.57
N PRO C 135 22.10 -7.36 -3.37
CA PRO C 135 22.09 -6.12 -2.59
C PRO C 135 23.44 -5.82 -1.91
N GLY C 136 24.33 -6.82 -1.82
CA GLY C 136 25.71 -6.66 -1.32
C GLY C 136 26.63 -6.00 -2.34
N LEU C 137 26.16 -5.78 -3.57
CA LEU C 137 27.03 -5.43 -4.72
C LEU C 137 26.35 -4.41 -5.63
N SER C 138 25.06 -4.59 -5.93
CA SER C 138 24.31 -3.65 -6.80
C SER C 138 23.00 -3.29 -6.10
N ASN C 139 22.37 -2.24 -6.60
CA ASN C 139 21.03 -1.79 -6.14
C ASN C 139 19.96 -2.38 -7.05
N CYS C 140 20.37 -3.18 -8.04
CA CYS C 140 19.53 -3.59 -9.21
C CYS C 140 18.22 -4.19 -8.70
N THR C 141 17.09 -3.86 -9.33
CA THR C 141 15.77 -4.39 -8.89
C THR C 141 14.98 -4.96 -10.06
N ILE C 142 14.12 -5.93 -9.74
CA ILE C 142 13.08 -6.45 -10.65
C ILE C 142 11.74 -6.47 -9.93
N HIS C 143 10.66 -6.54 -10.70
CA HIS C 143 9.41 -7.21 -10.27
C HIS C 143 9.44 -8.64 -10.78
N ILE C 144 9.14 -9.57 -9.89
CA ILE C 144 8.82 -10.99 -10.20
C ILE C 144 7.32 -11.05 -10.47
N VAL C 145 6.97 -11.23 -11.73
CA VAL C 145 5.56 -11.30 -12.20
C VAL C 145 5.23 -12.77 -12.53
N THR C 146 4.29 -13.34 -11.77
CA THR C 146 3.71 -14.66 -12.03
C THR C 146 2.72 -14.50 -13.20
N VAL C 147 2.93 -15.26 -14.27
CA VAL C 147 2.04 -15.27 -15.46
C VAL C 147 1.56 -16.70 -15.72
N THR C 148 0.26 -16.90 -15.90
CA THR C 148 -0.27 -18.23 -16.29
C THR C 148 -0.37 -18.23 -17.82
N ILE C 149 -0.02 -19.35 -18.42
CA ILE C 149 -0.19 -19.54 -19.88
C ILE C 149 -1.21 -20.66 -20.05
N ASN C 150 -2.32 -20.40 -20.75
CA ASN C 150 -3.25 -21.47 -21.19
C ASN C 150 -2.60 -22.18 -22.38
N GLY C 151 -1.95 -23.28 -22.09
CA GLY C 151 -1.25 -24.13 -23.08
C GLY C 151 -2.20 -24.78 -24.06
N ASP C 152 -3.50 -24.80 -23.81
CA ASP C 152 -4.48 -25.54 -24.65
C ASP C 152 -5.21 -24.59 -25.59
N ASP C 153 -5.11 -23.29 -25.39
CA ASP C 153 -5.69 -22.31 -26.34
C ASP C 153 -4.92 -22.44 -27.66
N ALA C 154 -5.65 -22.47 -28.76
CA ALA C 154 -5.11 -22.51 -30.13
C ALA C 154 -4.00 -21.45 -30.30
N GLU C 155 -4.17 -20.25 -29.73
CA GLU C 155 -3.17 -19.17 -29.87
C GLU C 155 -1.82 -19.59 -29.27
N ASN C 156 -1.77 -20.53 -28.31
CA ASN C 156 -0.47 -20.98 -27.73
C ASN C 156 0.00 -22.29 -28.38
N ALA C 157 -0.63 -22.74 -29.48
CA ALA C 157 -0.39 -24.08 -30.08
C ALA C 157 1.06 -24.18 -30.56
N ARG C 158 1.55 -23.18 -31.27
CA ARG C 158 2.87 -23.25 -31.92
C ARG C 158 3.65 -22.01 -31.48
N PRO C 159 4.05 -21.89 -30.19
CA PRO C 159 4.73 -20.70 -29.70
C PRO C 159 6.06 -20.46 -30.44
N LYS C 160 6.25 -19.28 -31.04
CA LYS C 160 7.55 -18.90 -31.69
C LYS C 160 8.10 -17.65 -31.04
N PRO C 161 9.28 -17.72 -30.38
CA PRO C 161 9.98 -16.52 -29.97
C PRO C 161 10.09 -15.57 -31.16
N LYS C 162 9.79 -14.29 -30.94
CA LYS C 162 10.21 -13.18 -31.84
C LYS C 162 11.15 -12.30 -31.01
N PRO C 163 12.41 -12.73 -30.82
CA PRO C 163 13.33 -12.05 -29.90
C PRO C 163 14.07 -10.90 -30.59
N GLY C 164 14.74 -10.07 -29.79
CA GLY C 164 15.39 -8.82 -30.23
C GLY C 164 16.54 -9.08 -31.19
N ASP C 165 17.15 -8.00 -31.68
CA ASP C 165 18.42 -8.03 -32.44
C ASP C 165 19.52 -8.36 -31.43
N GLY C 166 20.36 -9.34 -31.73
CA GLY C 166 21.31 -9.88 -30.74
C GLY C 166 20.62 -10.48 -29.52
N GLU C 167 19.41 -11.03 -29.68
CA GLU C 167 18.76 -11.91 -28.67
C GLU C 167 18.62 -13.29 -29.30
N PHE C 168 19.21 -14.30 -28.66
CA PHE C 168 19.19 -15.72 -29.09
C PHE C 168 18.75 -16.56 -27.88
N VAL C 169 17.53 -17.06 -27.95
CA VAL C 169 16.87 -17.64 -26.77
C VAL C 169 16.35 -19.01 -27.16
N GLU C 170 16.64 -19.99 -26.32
CA GLU C 170 16.10 -21.37 -26.39
C GLU C 170 15.12 -21.50 -25.24
N VAL C 171 13.95 -22.07 -25.52
CA VAL C 171 12.86 -22.26 -24.52
C VAL C 171 12.99 -23.68 -23.99
N ILE C 172 12.97 -23.82 -22.66
CA ILE C 172 12.94 -25.13 -21.93
C ILE C 172 11.79 -25.06 -20.92
N SER C 173 10.76 -25.89 -21.10
CA SER C 173 9.61 -26.04 -20.17
C SER C 173 9.83 -27.27 -19.30
N LEU C 174 9.81 -27.12 -17.98
CA LEU C 174 10.11 -28.22 -17.03
C LEU C 174 8.93 -28.37 -16.08
N PRO C 175 8.57 -29.61 -15.71
CA PRO C 175 7.44 -29.81 -14.81
C PRO C 175 7.70 -29.17 -13.44
N LYS C 176 6.73 -28.41 -12.92
CA LYS C 176 6.81 -27.73 -11.61
C LYS C 176 7.04 -28.76 -10.50
N ASN C 177 6.37 -29.92 -10.59
CA ASN C 177 6.43 -30.98 -9.55
C ASN C 177 7.75 -31.75 -9.65
N ASP C 178 8.65 -31.40 -10.57
CA ASP C 178 9.98 -32.07 -10.62
C ASP C 178 11.10 -31.08 -10.95
N LEU C 179 10.91 -29.80 -10.65
CA LEU C 179 11.75 -28.71 -11.21
C LEU C 179 13.24 -28.93 -10.87
N LEU C 180 13.57 -29.06 -9.58
CA LEU C 180 14.97 -29.14 -9.08
C LEU C 180 15.68 -30.32 -9.74
N GLN C 181 15.13 -31.53 -9.66
CA GLN C 181 15.73 -32.75 -10.29
C GLN C 181 15.98 -32.48 -11.78
N ARG C 182 15.00 -31.94 -12.46
CA ARG C 182 15.10 -31.67 -13.91
C ARG C 182 16.18 -30.61 -14.17
N LEU C 183 16.36 -29.61 -13.30
CA LEU C 183 17.44 -28.60 -13.46
C LEU C 183 18.80 -29.25 -13.22
N ASP C 184 18.93 -29.97 -12.10
CA ASP C 184 20.09 -30.82 -11.74
C ASP C 184 20.49 -31.69 -12.95
N ALA C 185 19.54 -32.24 -13.70
CA ALA C 185 19.83 -33.15 -14.85
C ALA C 185 20.41 -32.37 -16.04
N LEU C 186 19.90 -31.17 -16.33
CA LEU C 186 20.41 -30.31 -17.44
C LEU C 186 21.83 -29.85 -17.14
N VAL C 187 22.09 -29.49 -15.89
CA VAL C 187 23.39 -29.02 -15.36
C VAL C 187 24.42 -30.15 -15.53
N ALA C 188 23.97 -31.41 -15.43
CA ALA C 188 24.84 -32.62 -15.50
C ALA C 188 25.22 -32.88 -16.95
N GLU C 189 24.25 -32.81 -17.87
CA GLU C 189 24.44 -33.11 -19.31
C GLU C 189 25.35 -32.06 -19.97
N GLU C 190 25.36 -30.80 -19.49
CA GLU C 190 25.95 -29.64 -20.22
C GLU C 190 26.62 -28.68 -19.23
N HIS C 191 27.57 -27.88 -19.71
CA HIS C 191 28.11 -26.71 -18.96
C HIS C 191 27.09 -25.58 -19.11
N LEU C 192 26.24 -25.41 -18.11
CA LEU C 192 25.31 -24.28 -18.01
C LEU C 192 25.08 -23.96 -16.54
N THR C 193 24.71 -22.72 -16.28
CA THR C 193 24.51 -22.20 -14.91
C THR C 193 23.01 -21.96 -14.71
N VAL C 194 22.46 -22.43 -13.59
CA VAL C 194 21.05 -22.10 -13.22
C VAL C 194 21.07 -20.72 -12.57
N ASP C 195 20.10 -19.88 -12.92
CA ASP C 195 19.84 -18.59 -12.25
C ASP C 195 19.50 -18.86 -10.79
N ALA C 196 20.04 -18.08 -9.85
CA ALA C 196 19.76 -18.19 -8.39
C ALA C 196 18.27 -18.09 -8.07
N ARG C 197 17.50 -17.25 -8.76
CA ARG C 197 16.05 -17.08 -8.45
C ARG C 197 15.30 -18.32 -8.93
N VAL C 198 15.71 -18.86 -10.07
CA VAL C 198 15.17 -20.15 -10.56
C VAL C 198 15.41 -21.24 -9.50
N TYR C 199 16.63 -21.41 -8.99
CA TYR C 199 17.01 -22.55 -8.09
C TYR C 199 16.29 -22.45 -6.74
N SER C 200 16.18 -21.23 -6.22
CA SER C 200 15.45 -20.88 -4.96
C SER C 200 13.99 -21.27 -5.11
N TYR C 201 13.42 -20.97 -6.27
CA TYR C 201 12.03 -21.32 -6.63
C TYR C 201 11.93 -22.84 -6.63
N ALA C 202 12.87 -23.54 -7.30
CA ALA C 202 12.87 -25.03 -7.34
C ALA C 202 13.05 -25.64 -5.93
N LEU C 203 13.94 -25.11 -5.10
CA LEU C 203 14.17 -25.69 -3.74
C LEU C 203 12.88 -25.57 -2.92
N ALA C 204 12.20 -24.41 -2.97
CA ALA C 204 10.92 -24.18 -2.24
C ALA C 204 9.83 -25.12 -2.75
N LEU C 205 9.77 -25.42 -4.06
CA LEU C 205 8.77 -26.40 -4.53
C LEU C 205 9.05 -27.74 -3.84
N LYS C 206 10.31 -28.18 -3.81
CA LYS C 206 10.71 -29.50 -3.26
C LYS C 206 10.36 -29.55 -1.75
N HIS C 207 10.68 -28.47 -1.05
CA HIS C 207 10.56 -28.36 0.43
C HIS C 207 9.09 -28.41 0.83
N ALA C 208 8.28 -27.47 0.33
CA ALA C 208 6.84 -27.35 0.68
C ALA C 208 6.21 -28.74 0.58
N LYS D 15 28.54 -22.81 -29.59
CA LYS D 15 27.75 -22.10 -30.66
C LYS D 15 27.98 -20.59 -30.56
N GLN D 16 28.09 -20.03 -29.34
CA GLN D 16 28.57 -18.66 -29.02
C GLN D 16 29.78 -18.75 -28.12
N TYR D 17 30.64 -17.72 -28.06
CA TYR D 17 31.87 -17.80 -27.23
C TYR D 17 32.43 -16.40 -26.97
N ILE D 18 33.22 -16.32 -25.88
CA ILE D 18 33.99 -15.13 -25.46
C ILE D 18 35.21 -15.01 -26.38
N ILE D 19 35.48 -13.80 -26.88
CA ILE D 19 36.61 -13.50 -27.80
C ILE D 19 37.70 -12.82 -26.98
N SER D 20 37.33 -11.87 -26.11
CA SER D 20 38.25 -11.08 -25.26
C SER D 20 37.50 -10.45 -24.08
N GLU D 21 38.23 -10.15 -23.00
CA GLU D 21 37.74 -9.38 -21.85
C GLU D 21 38.66 -8.18 -21.64
N GLU D 22 38.33 -7.04 -22.26
CA GLU D 22 39.02 -5.73 -22.08
C GLU D 22 38.59 -5.15 -20.73
N LEU D 23 39.46 -5.18 -19.72
CA LEU D 23 39.29 -4.48 -18.41
C LEU D 23 39.05 -2.98 -18.67
N ILE D 24 38.20 -2.34 -17.86
CA ILE D 24 37.84 -0.88 -17.98
C ILE D 24 37.94 -0.18 -16.62
N SER D 25 37.82 -0.91 -15.49
CA SER D 25 37.94 -0.33 -14.12
C SER D 25 37.98 -1.42 -13.05
N GLU D 26 39.08 -1.47 -12.27
CA GLU D 26 39.25 -2.37 -11.10
C GLU D 26 38.89 -1.59 -9.83
N GLY D 27 39.18 -2.12 -8.65
CA GLY D 27 38.92 -1.44 -7.36
C GLY D 27 38.94 -2.36 -6.16
N LYS D 28 38.44 -1.85 -5.03
CA LYS D 28 38.41 -2.52 -3.70
C LYS D 28 38.01 -3.99 -3.85
N TRP D 29 36.81 -4.26 -4.37
CA TRP D 29 36.21 -5.63 -4.41
C TRP D 29 35.33 -5.86 -5.65
N VAL D 30 35.40 -5.00 -6.67
CA VAL D 30 34.56 -5.15 -7.91
C VAL D 30 35.26 -4.46 -9.09
N LYS D 31 34.96 -4.88 -10.34
CA LYS D 31 35.58 -4.39 -11.60
C LYS D 31 34.59 -4.46 -12.78
N LEU D 32 34.83 -3.68 -13.84
CA LEU D 32 34.03 -3.60 -15.10
C LEU D 32 34.89 -4.01 -16.30
N GLU D 33 34.28 -4.54 -17.38
CA GLU D 33 34.98 -5.01 -18.61
C GLU D 33 34.11 -4.84 -19.86
N LYS D 34 34.73 -4.46 -20.98
CA LYS D 34 34.14 -4.58 -22.34
C LYS D 34 34.40 -6.03 -22.80
N THR D 35 33.36 -6.86 -22.75
CA THR D 35 33.39 -8.29 -23.16
C THR D 35 33.05 -8.37 -24.65
N THR D 36 33.92 -8.97 -25.46
CA THR D 36 33.66 -9.26 -26.89
C THR D 36 33.35 -10.74 -27.02
N TYR D 37 32.32 -11.07 -27.78
CA TYR D 37 31.81 -12.47 -27.91
C TYR D 37 31.30 -12.62 -29.33
N MET D 38 31.26 -13.85 -29.83
CA MET D 38 30.65 -14.18 -31.13
C MET D 38 29.22 -14.63 -30.87
N ASP D 39 28.26 -14.13 -31.66
CA ASP D 39 26.84 -14.52 -31.58
C ASP D 39 26.63 -15.73 -32.48
N PRO D 40 25.44 -16.36 -32.49
CA PRO D 40 25.26 -17.58 -33.27
C PRO D 40 25.18 -17.27 -34.78
N THR D 41 24.85 -16.03 -35.15
CA THR D 41 24.74 -15.57 -36.57
C THR D 41 26.15 -15.36 -37.17
N GLY D 42 27.21 -15.62 -36.40
CA GLY D 42 28.63 -15.48 -36.79
C GLY D 42 29.19 -14.09 -36.56
N LYS D 43 28.39 -13.17 -36.04
CA LYS D 43 28.71 -11.71 -35.95
C LYS D 43 29.30 -11.39 -34.56
N THR D 44 30.50 -10.79 -34.52
CA THR D 44 31.10 -10.23 -33.28
C THR D 44 30.14 -9.14 -32.75
N ARG D 45 29.94 -9.12 -31.43
CA ARG D 45 29.18 -8.09 -30.69
C ARG D 45 29.95 -7.81 -29.39
N THR D 46 29.51 -6.87 -28.57
CA THR D 46 30.18 -6.60 -27.27
C THR D 46 29.11 -6.40 -26.19
N TRP D 47 29.58 -6.17 -24.96
CA TRP D 47 28.83 -6.33 -23.69
C TRP D 47 29.69 -5.78 -22.55
N GLU D 48 29.11 -5.04 -21.62
CA GLU D 48 29.78 -4.50 -20.40
C GLU D 48 29.36 -5.35 -19.20
N SER D 49 30.33 -5.84 -18.45
CA SER D 49 30.18 -6.93 -17.45
C SER D 49 30.93 -6.57 -16.17
N VAL D 50 30.37 -6.98 -15.04
CA VAL D 50 30.88 -6.70 -13.67
C VAL D 50 31.40 -8.02 -13.10
N LYS D 51 32.55 -7.99 -12.43
CA LYS D 51 33.11 -9.16 -11.72
C LYS D 51 33.66 -8.68 -10.38
N ARG D 52 33.67 -9.57 -9.39
CA ARG D 52 34.31 -9.35 -8.06
C ARG D 52 35.81 -9.68 -8.19
N THR D 53 36.66 -8.93 -7.50
CA THR D 53 38.14 -9.09 -7.50
C THR D 53 38.57 -9.91 -6.29
N THR D 54 37.75 -10.89 -5.88
CA THR D 54 37.95 -11.70 -4.64
C THR D 54 37.88 -13.19 -4.97
N ARG D 55 37.66 -13.54 -6.24
CA ARG D 55 37.55 -14.94 -6.73
C ARG D 55 38.87 -15.69 -6.49
N LYS D 56 38.78 -16.94 -6.03
CA LYS D 56 39.94 -17.82 -5.69
C LYS D 56 40.08 -18.92 -6.75
N GLU D 57 39.56 -18.67 -7.96
CA GLU D 57 39.75 -19.53 -9.16
C GLU D 57 38.93 -20.83 -9.00
N GLN D 58 38.16 -21.17 -10.03
CA GLN D 58 37.32 -22.40 -10.10
C GLN D 58 36.58 -22.57 -8.77
N THR D 59 35.87 -21.51 -8.33
CA THR D 59 35.11 -21.46 -7.06
C THR D 59 34.02 -20.38 -7.16
N ALA D 60 32.83 -20.66 -6.61
CA ALA D 60 31.72 -19.69 -6.49
C ALA D 60 32.13 -18.57 -5.52
N ASP D 61 31.63 -17.35 -5.74
CA ASP D 61 31.96 -16.16 -4.90
C ASP D 61 31.42 -16.36 -3.48
N GLY D 62 30.11 -16.60 -3.35
CA GLY D 62 29.42 -16.68 -2.04
C GLY D 62 28.69 -17.98 -1.76
N VAL D 63 28.17 -18.09 -0.54
CA VAL D 63 27.05 -18.99 -0.15
C VAL D 63 25.85 -18.12 0.23
N ALA D 64 24.66 -18.71 0.16
CA ALA D 64 23.43 -18.22 0.80
C ALA D 64 22.86 -19.42 1.54
N VAL D 65 22.35 -19.20 2.74
CA VAL D 65 21.83 -20.30 3.59
C VAL D 65 20.31 -20.18 3.60
N ILE D 66 19.65 -21.33 3.45
CA ILE D 66 18.19 -21.48 3.65
C ILE D 66 18.00 -22.23 4.98
N PRO D 67 17.88 -21.51 6.12
CA PRO D 67 17.82 -22.14 7.44
C PRO D 67 16.40 -22.50 7.88
N VAL D 68 16.07 -23.79 7.91
CA VAL D 68 14.80 -24.37 8.44
C VAL D 68 14.99 -24.70 9.94
N LEU D 69 14.40 -23.89 10.82
CA LEU D 69 14.42 -24.09 12.29
C LEU D 69 13.28 -25.05 12.68
N GLN D 70 13.63 -26.27 13.13
CA GLN D 70 12.72 -27.43 13.35
C GLN D 70 12.61 -27.78 14.85
N ARG D 71 11.45 -27.54 15.47
CA ARG D 71 11.08 -28.09 16.82
C ARG D 71 9.94 -29.10 16.64
N THR D 72 10.02 -30.25 17.30
CA THR D 72 8.93 -31.27 17.26
C THR D 72 7.68 -30.61 17.88
N LEU D 73 6.48 -30.97 17.40
CA LEU D 73 5.21 -30.40 17.92
C LEU D 73 5.11 -28.91 17.58
N HIS D 74 5.91 -28.40 16.65
CA HIS D 74 5.88 -26.98 16.24
C HIS D 74 5.96 -26.91 14.70
N TYR D 75 5.50 -25.79 14.15
CA TYR D 75 5.70 -25.35 12.73
C TYR D 75 7.20 -25.20 12.49
N GLU D 76 7.62 -25.27 11.22
CA GLU D 76 8.97 -24.85 10.75
C GLU D 76 8.97 -23.34 10.52
N CYS D 77 10.10 -22.70 10.80
CA CYS D 77 10.37 -21.25 10.58
C CYS D 77 11.63 -21.09 9.72
N ILE D 78 11.65 -20.04 8.90
CA ILE D 78 12.72 -19.74 7.93
C ILE D 78 13.51 -18.62 8.57
N VAL D 79 14.76 -18.87 8.93
CA VAL D 79 15.54 -17.83 9.64
C VAL D 79 16.14 -16.92 8.56
N LEU D 80 15.67 -15.69 8.50
CA LEU D 80 16.25 -14.63 7.64
C LEU D 80 17.07 -13.72 8.53
N VAL D 81 17.75 -12.74 7.90
CA VAL D 81 18.49 -11.68 8.61
C VAL D 81 18.20 -10.38 7.85
N LYS D 82 18.06 -9.28 8.57
CA LYS D 82 17.96 -7.90 8.02
C LYS D 82 19.26 -7.21 8.39
N GLN D 83 19.72 -6.35 7.48
CA GLN D 83 20.95 -5.54 7.58
C GLN D 83 20.86 -4.45 6.51
N PHE D 84 21.49 -3.30 6.76
CA PHE D 84 21.67 -2.18 5.80
C PHE D 84 22.65 -2.67 4.72
N ARG D 85 22.37 -2.29 3.48
CA ARG D 85 23.18 -2.66 2.29
C ARG D 85 23.53 -1.39 1.56
N PRO D 86 24.76 -0.84 1.73
CA PRO D 86 25.16 0.40 1.06
C PRO D 86 24.72 0.55 -0.39
N PRO D 87 24.85 -0.47 -1.27
CA PRO D 87 24.49 -0.29 -2.68
C PRO D 87 22.98 -0.07 -2.86
N MET D 88 22.17 -0.68 -1.98
CA MET D 88 20.68 -0.61 -1.97
C MET D 88 20.24 0.66 -1.21
N GLY D 89 21.14 1.26 -0.42
CA GLY D 89 20.81 2.40 0.45
C GLY D 89 19.61 2.12 1.35
N GLY D 90 19.39 0.88 1.75
CA GLY D 90 18.26 0.55 2.62
C GLY D 90 18.50 -0.73 3.35
N TYR D 91 17.64 -1.09 4.29
CA TYR D 91 17.71 -2.40 4.97
C TYR D 91 17.18 -3.47 3.99
N CYS D 92 17.75 -4.69 4.01
CA CYS D 92 17.32 -5.80 3.14
C CYS D 92 17.08 -7.04 4.00
N ILE D 93 15.99 -7.74 3.68
CA ILE D 93 15.68 -9.07 4.27
C ILE D 93 16.21 -10.09 3.26
N GLU D 94 17.12 -10.94 3.72
CA GLU D 94 17.92 -11.83 2.85
C GLU D 94 18.07 -13.15 3.58
N PHE D 95 18.37 -14.19 2.82
CA PHE D 95 18.96 -15.42 3.38
C PHE D 95 20.30 -14.94 3.96
N PRO D 96 20.74 -15.42 5.13
CA PRO D 96 22.10 -15.18 5.58
C PRO D 96 23.02 -15.53 4.40
N ALA D 97 23.83 -14.57 3.98
CA ALA D 97 24.80 -14.68 2.86
C ALA D 97 26.21 -14.48 3.42
N GLY D 98 27.22 -15.08 2.76
CA GLY D 98 28.65 -14.80 2.99
C GLY D 98 29.53 -15.29 1.87
N LEU D 99 30.61 -14.55 1.56
CA LEU D 99 31.69 -15.02 0.66
C LEU D 99 32.37 -16.23 1.31
N ILE D 100 32.84 -17.14 0.46
CA ILE D 100 33.64 -18.31 0.87
C ILE D 100 35.09 -17.84 1.04
N ASP D 101 35.76 -18.30 2.11
CA ASP D 101 37.19 -18.04 2.39
C ASP D 101 38.03 -19.06 1.60
N ASP D 102 39.16 -18.64 1.03
CA ASP D 102 40.12 -19.55 0.34
C ASP D 102 40.42 -20.72 1.28
N GLY D 103 40.15 -21.95 0.83
CA GLY D 103 40.51 -23.20 1.53
C GLY D 103 39.36 -23.84 2.29
N GLU D 104 38.15 -23.28 2.17
CA GLU D 104 36.95 -23.71 2.93
C GLU D 104 35.87 -24.11 1.91
N THR D 105 35.25 -25.28 2.06
CA THR D 105 34.16 -25.76 1.18
C THR D 105 32.93 -24.87 1.40
N PRO D 106 31.99 -24.80 0.42
CA PRO D 106 30.65 -24.27 0.67
C PRO D 106 29.92 -24.75 1.94
N GLU D 107 29.81 -26.07 2.14
CA GLU D 107 29.05 -26.66 3.28
C GLU D 107 29.56 -26.08 4.60
N ALA D 108 30.89 -26.03 4.79
CA ALA D 108 31.54 -25.48 6.00
C ALA D 108 31.25 -23.97 6.08
N ALA D 109 31.37 -23.23 4.98
CA ALA D 109 31.13 -21.76 4.98
C ALA D 109 29.69 -21.48 5.40
N ALA D 110 28.71 -22.16 4.80
CA ALA D 110 27.27 -22.00 5.14
C ALA D 110 27.07 -22.14 6.65
N LEU D 111 27.44 -23.30 7.23
CA LEU D 111 27.30 -23.55 8.69
C LEU D 111 28.01 -22.43 9.47
N ARG D 112 29.13 -21.91 8.95
CA ARG D 112 29.88 -20.84 9.65
C ARG D 112 29.10 -19.53 9.54
N GLU D 113 28.72 -19.11 8.33
CA GLU D 113 28.03 -17.81 8.09
C GLU D 113 26.65 -17.81 8.77
N LEU D 114 25.99 -18.96 8.92
CA LEU D 114 24.69 -19.09 9.63
C LEU D 114 24.87 -18.92 11.16
N GLU D 115 25.89 -19.56 11.74
CA GLU D 115 26.25 -19.38 13.18
C GLU D 115 26.73 -17.94 13.41
N GLU D 116 27.61 -17.43 12.54
CA GLU D 116 28.08 -16.02 12.60
C GLU D 116 26.87 -15.09 12.67
N GLU D 117 25.96 -15.20 11.70
CA GLU D 117 24.91 -14.18 11.44
C GLU D 117 23.62 -14.44 12.23
N THR D 118 23.38 -15.69 12.69
CA THR D 118 22.14 -16.06 13.42
C THR D 118 22.46 -16.60 14.82
N GLY D 119 23.58 -17.29 14.99
CA GLY D 119 23.94 -17.98 16.24
C GLY D 119 23.59 -19.46 16.21
N TYR D 120 22.87 -19.93 15.18
CA TYR D 120 22.33 -21.32 15.14
C TYR D 120 23.40 -22.29 14.61
N LYS D 121 23.31 -23.55 15.04
CA LYS D 121 24.22 -24.67 14.65
C LYS D 121 23.38 -25.62 13.78
N GLY D 122 23.78 -25.73 12.51
CA GLY D 122 22.99 -26.37 11.44
C GLY D 122 23.40 -27.80 11.20
N ASP D 123 22.53 -28.54 10.52
CA ASP D 123 22.82 -29.82 9.81
C ASP D 123 22.68 -29.53 8.31
N ILE D 124 23.73 -29.74 7.53
CA ILE D 124 23.67 -29.62 6.05
C ILE D 124 22.63 -30.62 5.57
N ALA D 125 21.56 -30.16 4.94
CA ALA D 125 20.55 -31.01 4.26
C ALA D 125 20.96 -31.20 2.81
N GLU D 126 21.40 -30.13 2.13
CA GLU D 126 21.73 -30.20 0.67
C GLU D 126 22.48 -28.93 0.27
N CYS D 127 23.15 -28.97 -0.89
CA CYS D 127 24.01 -27.87 -1.40
C CYS D 127 23.87 -27.81 -2.93
N SER D 128 23.62 -26.62 -3.47
CA SER D 128 23.42 -26.36 -4.93
C SER D 128 24.78 -26.31 -5.60
N PRO D 129 24.86 -26.57 -6.92
CA PRO D 129 26.03 -26.14 -7.68
C PRO D 129 26.00 -24.59 -7.69
N ALA D 130 27.03 -23.96 -8.24
CA ALA D 130 27.15 -22.49 -8.35
C ALA D 130 26.00 -21.99 -9.24
N VAL D 131 25.30 -20.95 -8.78
CA VAL D 131 24.12 -20.35 -9.48
C VAL D 131 24.43 -18.87 -9.65
N CYS D 132 24.00 -18.28 -10.78
CA CYS D 132 24.34 -16.89 -11.18
C CYS D 132 23.35 -15.92 -10.50
N MET D 133 23.88 -14.82 -9.98
CA MET D 133 23.16 -13.81 -9.17
C MET D 133 22.43 -12.83 -10.08
N ASP D 134 23.04 -12.45 -11.20
CA ASP D 134 22.43 -11.53 -12.21
C ASP D 134 23.23 -11.67 -13.50
N PRO D 135 22.99 -12.70 -14.33
CA PRO D 135 23.95 -13.08 -15.37
C PRO D 135 24.08 -12.07 -16.51
N GLY D 136 23.06 -11.24 -16.77
CA GLY D 136 23.07 -10.18 -17.78
C GLY D 136 23.94 -8.98 -17.38
N LEU D 137 24.53 -9.02 -16.19
CA LEU D 137 25.28 -7.88 -15.60
C LEU D 137 26.65 -8.35 -15.11
N SER D 138 26.68 -9.38 -14.27
CA SER D 138 27.86 -9.83 -13.49
C SER D 138 28.12 -11.33 -13.70
N ASN D 139 29.25 -11.82 -13.18
CA ASN D 139 29.66 -13.23 -13.26
C ASN D 139 29.45 -13.84 -11.88
N CYS D 140 28.84 -13.08 -10.96
CA CYS D 140 28.78 -13.46 -9.55
C CYS D 140 27.88 -14.69 -9.40
N THR D 141 28.35 -15.64 -8.61
CA THR D 141 27.71 -16.94 -8.34
C THR D 141 27.77 -17.21 -6.85
N ILE D 142 26.81 -17.99 -6.37
CA ILE D 142 26.78 -18.54 -4.99
C ILE D 142 26.37 -20.01 -5.06
N HIS D 143 26.67 -20.75 -4.00
CA HIS D 143 25.96 -21.99 -3.64
C HIS D 143 24.82 -21.56 -2.71
N ILE D 144 23.63 -22.07 -2.98
CA ILE D 144 22.48 -22.04 -2.02
C ILE D 144 22.54 -23.34 -1.21
N VAL D 145 22.84 -23.23 0.10
CA VAL D 145 22.95 -24.37 1.03
C VAL D 145 21.67 -24.42 1.88
N THR D 146 20.98 -25.57 1.92
CA THR D 146 19.77 -25.78 2.76
C THR D 146 20.23 -26.43 4.08
N VAL D 147 19.84 -25.86 5.21
CA VAL D 147 20.37 -26.21 6.57
C VAL D 147 19.22 -26.39 7.57
N THR D 148 19.02 -27.62 8.05
CA THR D 148 18.04 -27.92 9.12
C THR D 148 18.69 -27.55 10.46
N ILE D 149 17.98 -26.78 11.29
CA ILE D 149 18.38 -26.43 12.68
C ILE D 149 17.54 -27.28 13.64
N ASN D 150 18.20 -27.99 14.56
CA ASN D 150 17.53 -28.82 15.59
C ASN D 150 17.28 -27.92 16.81
N GLY D 151 16.10 -27.30 16.89
CA GLY D 151 15.76 -26.25 17.87
C GLY D 151 15.34 -26.85 19.20
N ASP D 152 15.29 -28.19 19.28
CA ASP D 152 15.17 -28.99 20.53
C ASP D 152 16.57 -29.20 21.15
N ASP D 153 17.33 -28.10 21.27
CA ASP D 153 18.75 -28.04 21.72
C ASP D 153 19.24 -26.59 21.54
N GLU D 155 21.80 -25.80 22.88
CA GLU D 155 22.81 -25.32 21.92
C GLU D 155 22.15 -24.31 20.98
N ASN D 156 20.93 -24.64 20.54
CA ASN D 156 20.07 -23.78 19.68
C ASN D 156 18.91 -23.23 20.54
N ALA D 157 18.92 -23.52 21.84
CA ALA D 157 17.86 -23.11 22.80
C ALA D 157 17.49 -21.64 22.54
N ARG D 158 18.49 -20.75 22.52
CA ARG D 158 18.32 -19.28 22.33
C ARG D 158 19.68 -18.64 22.07
N PRO D 159 20.34 -18.96 20.93
CA PRO D 159 21.65 -18.38 20.62
C PRO D 159 21.56 -16.95 20.07
N LYS D 160 22.66 -16.20 20.17
CA LYS D 160 22.80 -14.79 19.70
C LYS D 160 23.94 -14.71 18.69
N PRO D 161 23.90 -13.75 17.74
CA PRO D 161 24.89 -13.70 16.66
C PRO D 161 26.28 -13.22 17.10
N LYS D 162 27.34 -13.80 16.51
CA LYS D 162 28.75 -13.35 16.64
C LYS D 162 29.21 -12.69 15.32
N PRO D 163 28.78 -11.44 15.02
CA PRO D 163 29.16 -10.80 13.76
C PRO D 163 30.62 -10.36 13.73
N GLY D 164 31.17 -10.19 12.53
CA GLY D 164 32.49 -9.55 12.29
C GLY D 164 32.43 -8.07 12.60
N ASP D 165 33.56 -7.36 12.43
CA ASP D 165 33.62 -5.88 12.48
C ASP D 165 32.87 -5.35 11.26
N GLY D 166 31.99 -4.36 11.45
CA GLY D 166 31.16 -3.78 10.38
C GLY D 166 30.04 -4.70 9.92
N GLU D 167 29.74 -5.77 10.68
CA GLU D 167 28.62 -6.72 10.43
C GLU D 167 27.53 -6.50 11.48
N PHE D 168 26.42 -5.87 11.08
CA PHE D 168 25.25 -5.52 11.95
C PHE D 168 24.00 -6.15 11.33
N VAL D 169 23.50 -7.21 11.97
CA VAL D 169 22.51 -8.17 11.37
C VAL D 169 21.41 -8.48 12.40
N GLU D 170 20.15 -8.31 12.01
CA GLU D 170 18.94 -8.65 12.82
C GLU D 170 18.32 -9.96 12.32
N VAL D 171 18.34 -11.00 13.14
CA VAL D 171 17.69 -12.33 12.91
C VAL D 171 16.16 -12.13 12.86
N ILE D 172 15.55 -12.23 11.66
CA ILE D 172 14.07 -12.21 11.45
C ILE D 172 13.62 -13.64 11.12
N SER D 173 13.07 -14.35 12.11
CA SER D 173 12.57 -15.73 11.95
C SER D 173 11.07 -15.69 11.61
N LEU D 174 10.70 -16.07 10.39
CA LEU D 174 9.30 -15.97 9.88
C LEU D 174 8.74 -17.38 9.69
N PRO D 175 7.40 -17.55 9.85
CA PRO D 175 6.81 -18.88 9.78
C PRO D 175 6.98 -19.30 8.30
N LYS D 176 7.41 -20.53 8.05
CA LYS D 176 7.54 -21.08 6.69
C LYS D 176 6.17 -21.06 6.00
N ASN D 177 5.09 -21.28 6.77
CA ASN D 177 3.72 -21.55 6.28
C ASN D 177 3.04 -20.27 5.81
N ASP D 178 3.51 -19.10 6.22
CA ASP D 178 2.89 -17.84 5.76
C ASP D 178 3.99 -16.92 5.25
N LEU D 179 5.12 -17.49 4.81
CA LEU D 179 6.33 -16.69 4.52
C LEU D 179 5.97 -15.54 3.59
N LEU D 180 5.30 -15.82 2.47
CA LEU D 180 5.04 -14.80 1.42
C LEU D 180 4.18 -13.67 1.99
N GLN D 181 3.16 -13.97 2.80
CA GLN D 181 2.22 -12.92 3.34
C GLN D 181 3.02 -12.04 4.30
N ARG D 182 3.81 -12.67 5.17
CA ARG D 182 4.64 -11.96 6.19
C ARG D 182 5.67 -11.08 5.51
N LEU D 183 6.18 -11.47 4.34
CA LEU D 183 7.12 -10.62 3.56
C LEU D 183 6.40 -9.43 2.94
N ASP D 184 5.22 -9.67 2.35
CA ASP D 184 4.40 -8.58 1.77
C ASP D 184 4.07 -7.61 2.92
N ALA D 185 3.68 -8.11 4.10
CA ALA D 185 3.32 -7.27 5.26
C ALA D 185 4.50 -6.35 5.62
N LEU D 186 5.69 -6.91 5.86
CA LEU D 186 6.91 -6.11 6.15
C LEU D 186 7.13 -5.04 5.07
N VAL D 187 6.92 -5.35 3.80
CA VAL D 187 7.21 -4.42 2.69
C VAL D 187 6.17 -3.29 2.65
N ALA D 188 4.93 -3.55 3.07
CA ALA D 188 3.85 -2.54 3.03
C ALA D 188 4.08 -1.52 4.15
N GLU D 189 4.67 -1.97 5.28
CA GLU D 189 4.71 -1.21 6.55
C GLU D 189 6.12 -0.65 6.83
N GLU D 190 7.21 -1.31 6.39
CA GLU D 190 8.58 -0.88 6.78
C GLU D 190 9.41 -0.43 5.57
N HIS D 191 10.42 0.38 5.86
CA HIS D 191 11.42 0.87 4.88
C HIS D 191 12.41 -0.29 4.69
N LEU D 192 12.11 -1.23 3.79
CA LEU D 192 13.06 -2.32 3.49
C LEU D 192 12.69 -2.99 2.17
N THR D 193 13.63 -3.81 1.68
CA THR D 193 13.54 -4.58 0.42
C THR D 193 13.74 -6.07 0.74
N VAL D 194 12.91 -6.91 0.15
CA VAL D 194 13.05 -8.39 0.26
C VAL D 194 14.05 -8.75 -0.83
N ASP D 195 14.87 -9.75 -0.57
CA ASP D 195 15.76 -10.25 -1.63
C ASP D 195 14.92 -11.10 -2.60
N ALA D 196 15.20 -11.00 -3.91
CA ALA D 196 14.53 -11.76 -5.00
C ALA D 196 14.57 -13.29 -4.75
N ARG D 197 15.68 -13.80 -4.19
N ARG D 197 15.68 -13.80 -4.21
CA ARG D 197 15.84 -15.25 -3.92
CA ARG D 197 15.85 -15.24 -3.90
C ARG D 197 14.89 -15.65 -2.78
C ARG D 197 14.87 -15.65 -2.79
N VAL D 198 14.73 -14.80 -1.76
CA VAL D 198 13.82 -15.08 -0.62
C VAL D 198 12.37 -15.08 -1.13
N TYR D 199 12.04 -14.11 -1.97
CA TYR D 199 10.72 -13.86 -2.57
C TYR D 199 10.35 -15.00 -3.54
N SER D 200 11.30 -15.41 -4.40
CA SER D 200 11.12 -16.61 -5.28
C SER D 200 10.85 -17.81 -4.37
N TYR D 201 11.64 -17.99 -3.32
CA TYR D 201 11.46 -19.10 -2.37
C TYR D 201 10.01 -19.05 -1.83
N ALA D 202 9.62 -17.90 -1.30
CA ALA D 202 8.29 -17.62 -0.70
C ALA D 202 7.16 -17.84 -1.75
N LEU D 203 7.30 -17.36 -2.98
CA LEU D 203 6.33 -17.60 -4.08
C LEU D 203 6.11 -19.10 -4.27
N ALA D 204 7.21 -19.84 -4.48
CA ALA D 204 7.18 -21.29 -4.76
C ALA D 204 6.53 -22.05 -3.60
N LEU D 205 6.58 -21.52 -2.38
CA LEU D 205 5.90 -22.16 -1.22
C LEU D 205 4.38 -22.09 -1.45
N LYS D 206 3.89 -21.05 -2.10
CA LYS D 206 2.45 -20.95 -2.42
C LYS D 206 2.16 -21.75 -3.68
N HIS D 207 3.02 -21.67 -4.71
CA HIS D 207 2.79 -22.30 -6.04
C HIS D 207 2.84 -23.83 -5.99
N ALA D 208 3.57 -24.40 -5.05
CA ALA D 208 3.77 -25.87 -4.93
C ALA D 208 2.41 -26.58 -4.82
N ASN D 209 2.34 -27.79 -5.40
CA ASN D 209 1.17 -28.72 -5.36
C ASN D 209 0.09 -28.17 -6.29
#